data_4WUO
#
_entry.id   4WUO
#
_cell.length_a   50.180
_cell.length_b   143.250
_cell.length_c   174.890
_cell.angle_alpha   90.000
_cell.angle_beta   90.000
_cell.angle_gamma   90.000
#
_symmetry.space_group_name_H-M   'C 2 2 21'
#
loop_
_entity.id
_entity.type
_entity.pdbx_description
1 polymer '3-isopropylmalate dehydrogenase'
2 non-polymer '3-ISOPROPYLMALIC ACID'
3 non-polymer NICOTINAMIDE-ADENINE-DINUCLEOTIDE
4 non-polymer 'MANGANESE (II) ION'
5 non-polymer 'POTASSIUM ION'
6 non-polymer ETHANOL
7 non-polymer GLYCEROL
8 water water
#
_entity_poly.entity_id   1
_entity_poly.type   'polypeptide(L)'
_entity_poly.pdbx_seq_one_letter_code
;MASMKVAVLPGDGIGPEVTEAALKVLRALDEAEGLGLAYEVFPFGGAAIDAFGEPFPEPTRKGVEEAEAVLLGSVGGPKW
DGLPRKIRPETGLLSLRKSQDLFANLRPAKVFPGLERLSPLKEEIARGVDVLIVRELTGGIYFGEPRGMSEAEAWNTERY
SKPEVERVARVAFEAARKRRKHVVSVDKANVLEVGEFWRKTVEEVGRGYPDVALEHQYVDAMAMHLVRSPARFDVVVTGN
IFGDILSDLASVLPGSLGLLPSASLGRGTPVFAPVHGSAPDIAGKGIANPTAAILSAAMMLEHAFGLVELARKVEDAVAK
ALLETPPPDLGGSAGTEAFTATVLRHLAAAALEHHHHHH
;
_entity_poly.pdbx_strand_id   A,B
#
# COMPACT_ATOMS: atom_id res chain seq x y z
N ALA A 2 -31.07 -3.85 30.99
CA ALA A 2 -30.80 -3.50 29.57
C ALA A 2 -30.86 -1.97 29.34
N SER A 3 -29.69 -1.35 29.13
CA SER A 3 -29.56 0.04 28.62
C SER A 3 -28.33 0.24 27.70
N MET A 4 -27.68 -0.87 27.35
CA MET A 4 -26.59 -0.94 26.36
C MET A 4 -26.87 -2.16 25.48
N LYS A 5 -27.50 -1.93 24.34
CA LYS A 5 -27.99 -3.04 23.51
C LYS A 5 -27.03 -3.30 22.30
N VAL A 6 -26.44 -4.50 22.24
CA VAL A 6 -25.39 -4.83 21.28
C VAL A 6 -25.66 -6.08 20.43
N ALA A 7 -25.51 -5.97 19.11
CA ALA A 7 -25.56 -7.17 18.22
C ALA A 7 -24.15 -7.73 17.99
N VAL A 8 -23.98 -9.01 18.27
CA VAL A 8 -22.66 -9.65 18.19
C VAL A 8 -22.67 -10.59 16.95
N LEU A 9 -21.68 -10.43 16.05
CA LEU A 9 -21.68 -11.19 14.80
C LEU A 9 -20.36 -11.85 14.69
N PRO A 10 -20.21 -13.07 15.26
CA PRO A 10 -18.88 -13.67 15.44
C PRO A 10 -18.08 -14.04 14.17
N GLY A 11 -18.74 -14.33 13.04
CA GLY A 11 -18.00 -14.63 11.79
C GLY A 11 -17.38 -16.02 11.76
N ASP A 12 -16.19 -16.12 11.16
CA ASP A 12 -15.52 -17.35 10.74
C ASP A 12 -14.06 -17.31 11.21
N GLY A 13 -13.40 -18.46 11.20
CA GLY A 13 -11.97 -18.55 11.52
C GLY A 13 -11.59 -18.02 12.90
N ILE A 14 -10.69 -17.03 13.00
CA ILE A 14 -10.40 -16.52 14.34
C ILE A 14 -11.49 -15.53 14.84
N GLY A 15 -12.43 -15.18 13.98
CA GLY A 15 -13.46 -14.20 14.30
C GLY A 15 -14.12 -14.53 15.62
N PRO A 16 -14.75 -15.73 15.75
CA PRO A 16 -15.40 -16.05 17.04
C PRO A 16 -14.45 -16.13 18.25
N GLU A 17 -13.20 -16.53 18.02
CA GLU A 17 -12.20 -16.63 19.09
C GLU A 17 -11.88 -15.22 19.67
N VAL A 18 -11.52 -14.26 18.80
CA VAL A 18 -11.16 -12.93 19.32
C VAL A 18 -12.40 -12.15 19.80
N THR A 19 -13.55 -12.38 19.16
CA THR A 19 -14.81 -11.77 19.58
C THR A 19 -15.27 -12.22 21.00
N GLU A 20 -15.08 -13.51 21.30
CA GLU A 20 -15.37 -14.04 22.66
C GLU A 20 -14.47 -13.34 23.68
N ALA A 21 -13.20 -13.14 23.35
CA ALA A 21 -12.29 -12.43 24.25
C ALA A 21 -12.79 -11.01 24.60
N ALA A 22 -13.25 -10.28 23.58
CA ALA A 22 -13.79 -8.92 23.75
C ALA A 22 -14.99 -9.01 24.61
N LEU A 23 -15.83 -10.04 24.41
CA LEU A 23 -17.01 -10.22 25.26
C LEU A 23 -16.67 -10.44 26.76
N LYS A 24 -15.61 -11.18 27.05
CA LYS A 24 -15.27 -11.38 28.46
C LYS A 24 -14.82 -10.06 29.12
N VAL A 25 -14.19 -9.19 28.32
CA VAL A 25 -13.81 -7.89 28.79
C VAL A 25 -15.07 -7.07 29.02
N LEU A 26 -16.04 -7.10 28.09
CA LEU A 26 -17.30 -6.33 28.23
C LEU A 26 -18.10 -6.80 29.43
N ARG A 27 -18.22 -8.10 29.62
CA ARG A 27 -18.92 -8.69 30.79
C ARG A 27 -18.28 -8.27 32.14
N ALA A 28 -16.95 -8.43 32.27
CA ALA A 28 -16.20 -7.94 33.41
C ALA A 28 -16.46 -6.46 33.69
N LEU A 29 -16.49 -5.62 32.64
CA LEU A 29 -16.81 -4.20 32.80
C LEU A 29 -18.27 -4.02 33.18
N ASP A 30 -19.17 -4.80 32.60
CA ASP A 30 -20.60 -4.66 32.89
C ASP A 30 -20.88 -4.89 34.39
N GLU A 31 -20.31 -5.96 34.92
CA GLU A 31 -20.45 -6.35 36.32
C GLU A 31 -19.76 -5.33 37.24
N ALA A 32 -18.48 -5.04 36.99
CA ALA A 32 -17.77 -4.05 37.77
C ALA A 32 -18.46 -2.69 37.76
N GLU A 33 -19.03 -2.29 36.61
CA GLU A 33 -19.55 -0.93 36.45
C GLU A 33 -21.07 -0.72 36.42
N GLY A 34 -21.86 -1.80 36.46
CA GLY A 34 -23.31 -1.69 36.26
C GLY A 34 -23.69 -1.03 34.95
N LEU A 35 -23.06 -1.43 33.85
CA LEU A 35 -23.36 -0.87 32.51
C LEU A 35 -24.73 -1.22 31.95
N GLY A 36 -25.36 -2.28 32.47
CA GLY A 36 -26.62 -2.76 31.93
C GLY A 36 -26.50 -3.27 30.49
N LEU A 37 -25.36 -3.89 30.16
CA LEU A 37 -25.16 -4.51 28.84
C LEU A 37 -26.13 -5.68 28.48
N ALA A 38 -26.77 -5.63 27.33
CA ALA A 38 -27.44 -6.84 26.79
C ALA A 38 -26.99 -7.05 25.36
N TYR A 39 -26.71 -8.31 25.02
CA TYR A 39 -26.35 -8.59 23.66
C TYR A 39 -27.02 -9.85 23.12
N GLU A 40 -27.33 -9.83 21.83
CA GLU A 40 -27.72 -11.06 21.14
C GLU A 40 -26.71 -11.44 20.07
N VAL A 41 -26.45 -12.73 19.92
CA VAL A 41 -25.54 -13.24 18.92
C VAL A 41 -26.30 -13.68 17.62
N PHE A 42 -25.75 -13.40 16.43
CA PHE A 42 -26.43 -13.60 15.18
C PHE A 42 -25.43 -14.15 14.18
N PRO A 43 -25.87 -15.03 13.26
CA PRO A 43 -24.99 -15.64 12.28
C PRO A 43 -24.62 -14.64 11.18
N PHE A 44 -23.37 -14.76 10.75
CA PHE A 44 -22.87 -13.85 9.74
C PHE A 44 -21.68 -14.48 9.02
N GLY A 45 -21.50 -14.18 7.74
CA GLY A 45 -20.39 -14.75 6.96
C GLY A 45 -20.65 -16.19 6.51
N GLY A 46 -19.55 -16.95 6.46
CA GLY A 46 -19.54 -18.39 6.19
C GLY A 46 -20.56 -19.17 7.01
N ALA A 47 -20.52 -18.97 8.33
CA ALA A 47 -21.47 -19.58 9.26
C ALA A 47 -22.92 -19.30 8.78
N ALA A 48 -23.17 -18.12 8.23
CA ALA A 48 -24.51 -17.83 7.78
C ALA A 48 -24.85 -18.43 6.41
N ILE A 49 -23.86 -18.52 5.53
CA ILE A 49 -24.03 -19.15 4.23
C ILE A 49 -24.43 -20.64 4.43
N ASP A 50 -23.79 -21.31 5.38
CA ASP A 50 -23.99 -22.73 5.63
C ASP A 50 -25.37 -22.98 6.26
N ALA A 51 -25.92 -21.99 6.96
CA ALA A 51 -27.15 -22.22 7.73
C ALA A 51 -28.37 -21.61 7.04
N PHE A 52 -28.16 -20.53 6.28
CA PHE A 52 -29.26 -19.79 5.64
C PHE A 52 -29.03 -19.59 4.15
N GLY A 53 -27.86 -19.94 3.62
CA GLY A 53 -27.67 -19.71 2.20
C GLY A 53 -27.19 -18.32 1.79
N GLU A 54 -27.09 -17.40 2.74
CA GLU A 54 -26.60 -16.07 2.42
C GLU A 54 -25.78 -15.51 3.61
N PRO A 55 -24.77 -14.63 3.32
CA PRO A 55 -23.84 -14.17 4.36
C PRO A 55 -24.45 -13.14 5.39
N PHE A 56 -25.49 -12.45 5.00
CA PHE A 56 -26.10 -11.41 5.83
C PHE A 56 -27.62 -11.68 5.84
N PRO A 57 -28.08 -12.75 6.54
CA PRO A 57 -29.51 -13.15 6.43
C PRO A 57 -30.44 -12.18 7.12
N GLU A 58 -31.76 -12.33 6.91
CA GLU A 58 -32.76 -11.36 7.44
C GLU A 58 -32.79 -11.20 8.98
N PRO A 59 -32.74 -12.30 9.74
CA PRO A 59 -32.68 -12.10 11.19
C PRO A 59 -31.40 -11.39 11.66
N THR A 60 -30.28 -11.57 10.94
CA THR A 60 -29.09 -10.83 11.26
C THR A 60 -29.23 -9.32 10.93
N ARG A 61 -29.78 -8.98 9.76
CA ARG A 61 -30.08 -7.59 9.43
C ARG A 61 -30.99 -6.91 10.47
N LYS A 62 -32.04 -7.62 10.90
CA LYS A 62 -32.95 -7.12 11.94
C LYS A 62 -32.23 -6.93 13.29
N GLY A 63 -31.41 -7.89 13.69
CA GLY A 63 -30.59 -7.73 14.91
C GLY A 63 -29.70 -6.47 14.84
N VAL A 64 -29.05 -6.29 13.70
CA VAL A 64 -28.23 -5.10 13.47
C VAL A 64 -29.04 -3.81 13.59
N GLU A 65 -30.16 -3.75 12.86
CA GLU A 65 -31.05 -2.56 12.85
C GLU A 65 -31.51 -2.14 14.23
N GLU A 66 -31.69 -3.10 15.13
CA GLU A 66 -32.36 -2.81 16.38
C GLU A 66 -31.36 -2.61 17.50
N ALA A 67 -30.10 -2.94 17.26
CA ALA A 67 -29.09 -2.73 18.28
C ALA A 67 -28.60 -1.27 18.30
N GLU A 68 -27.99 -0.82 19.39
CA GLU A 68 -27.34 0.49 19.44
CA GLU A 68 -27.34 0.49 19.39
C GLU A 68 -25.90 0.40 18.80
N ALA A 69 -25.29 -0.78 18.81
CA ALA A 69 -23.93 -0.99 18.22
C ALA A 69 -23.73 -2.44 17.76
N VAL A 70 -22.75 -2.70 16.87
CA VAL A 70 -22.40 -4.06 16.44
C VAL A 70 -20.96 -4.33 16.75
N LEU A 71 -20.71 -5.45 17.46
CA LEU A 71 -19.38 -5.98 17.67
C LEU A 71 -19.26 -7.14 16.70
N LEU A 72 -18.34 -6.99 15.74
CA LEU A 72 -18.25 -7.83 14.57
C LEU A 72 -16.96 -8.68 14.55
N GLY A 73 -17.07 -9.96 14.17
CA GLY A 73 -15.87 -10.75 13.88
C GLY A 73 -15.62 -10.90 12.37
N SER A 74 -14.39 -11.24 12.03
CA SER A 74 -13.98 -11.35 10.67
C SER A 74 -14.60 -12.56 9.99
N VAL A 75 -14.80 -12.48 8.68
CA VAL A 75 -15.41 -13.53 7.86
C VAL A 75 -14.47 -14.07 6.78
N GLY A 76 -14.80 -15.21 6.18
CA GLY A 76 -14.03 -15.66 5.03
C GLY A 76 -13.23 -16.90 5.36
N GLY A 77 -12.86 -17.63 4.30
CA GLY A 77 -11.91 -18.73 4.39
C GLY A 77 -12.00 -19.64 3.17
N PRO A 78 -11.02 -20.55 3.03
CA PRO A 78 -10.92 -21.55 1.96
C PRO A 78 -12.20 -22.36 1.82
N LYS A 79 -12.89 -22.63 2.94
CA LYS A 79 -14.13 -23.37 2.90
C LYS A 79 -15.14 -22.80 1.95
N TRP A 80 -15.11 -21.47 1.75
CA TRP A 80 -16.13 -20.82 0.91
C TRP A 80 -15.58 -20.32 -0.44
N ASP A 81 -14.38 -20.76 -0.77
CA ASP A 81 -13.72 -20.45 -2.03
C ASP A 81 -14.57 -20.83 -3.23
N GLY A 82 -14.86 -19.83 -4.06
CA GLY A 82 -15.41 -20.05 -5.38
C GLY A 82 -16.91 -19.84 -5.42
N LEU A 83 -17.54 -19.48 -4.30
CA LEU A 83 -18.96 -19.09 -4.27
C LEU A 83 -19.38 -18.06 -5.30
N PRO A 84 -20.64 -18.11 -5.80
CA PRO A 84 -21.08 -16.93 -6.55
C PRO A 84 -20.79 -15.66 -5.72
N ARG A 85 -20.19 -14.66 -6.37
CA ARG A 85 -19.82 -13.41 -5.67
C ARG A 85 -20.95 -12.84 -4.81
N LYS A 86 -22.18 -12.87 -5.29
CA LYS A 86 -23.28 -12.24 -4.54
C LYS A 86 -23.58 -12.89 -3.19
N ILE A 87 -23.01 -14.07 -2.92
CA ILE A 87 -23.16 -14.67 -1.58
C ILE A 87 -21.85 -14.97 -0.90
N ARG A 88 -20.74 -14.44 -1.41
CA ARG A 88 -19.45 -14.65 -0.69
C ARG A 88 -19.49 -14.08 0.77
N PRO A 89 -18.74 -14.66 1.71
CA PRO A 89 -18.69 -13.98 3.05
C PRO A 89 -18.30 -12.48 2.94
N GLU A 90 -17.33 -12.15 2.07
CA GLU A 90 -16.90 -10.77 1.90
C GLU A 90 -17.96 -9.87 1.33
N THR A 91 -18.81 -10.36 0.43
CA THR A 91 -19.92 -9.56 -0.04
C THR A 91 -20.94 -9.30 1.07
N GLY A 92 -21.12 -10.23 2.00
CA GLY A 92 -22.01 -9.99 3.17
C GLY A 92 -21.47 -8.80 4.00
N LEU A 93 -20.14 -8.74 4.17
CA LEU A 93 -19.51 -7.65 4.91
C LEU A 93 -19.79 -6.30 4.21
N LEU A 94 -19.49 -6.24 2.92
CA LEU A 94 -19.91 -5.11 2.06
C LEU A 94 -21.41 -4.70 2.20
N SER A 95 -22.31 -5.68 2.20
CA SER A 95 -23.76 -5.41 2.41
C SER A 95 -24.12 -4.84 3.77
N LEU A 96 -23.55 -5.43 4.82
CA LEU A 96 -23.61 -4.84 6.14
C LEU A 96 -23.28 -3.33 6.09
N ARG A 97 -22.13 -2.99 5.51
CA ARG A 97 -21.64 -1.63 5.47
C ARG A 97 -22.59 -0.77 4.67
N LYS A 98 -22.98 -1.25 3.49
CA LYS A 98 -23.85 -0.49 2.58
C LYS A 98 -25.26 -0.33 3.18
N SER A 99 -25.81 -1.37 3.80
CA SER A 99 -27.21 -1.23 4.29
C SER A 99 -27.30 -0.25 5.43
N GLN A 100 -26.25 -0.11 6.24
CA GLN A 100 -26.24 0.89 7.29
C GLN A 100 -25.63 2.24 6.87
N ASP A 101 -25.26 2.37 5.61
CA ASP A 101 -24.54 3.49 5.05
C ASP A 101 -23.40 4.01 5.97
N LEU A 102 -22.50 3.10 6.32
CA LEU A 102 -21.42 3.41 7.24
C LEU A 102 -20.23 3.86 6.39
N PHE A 103 -20.28 5.11 5.95
CA PHE A 103 -19.34 5.60 4.97
C PHE A 103 -17.97 6.01 5.56
N ALA A 104 -17.89 6.16 6.88
CA ALA A 104 -16.63 6.56 7.53
C ALA A 104 -16.00 5.45 8.35
N ASN A 105 -14.89 4.99 7.87
CA ASN A 105 -14.18 3.92 8.57
C ASN A 105 -12.97 4.48 9.29
N LEU A 106 -12.98 4.36 10.61
CA LEU A 106 -11.92 4.90 11.43
C LEU A 106 -10.95 3.82 11.86
N ARG A 107 -9.72 3.89 11.40
CA ARG A 107 -8.70 2.88 11.71
C ARG A 107 -7.45 3.52 12.38
N PRO A 108 -7.40 3.51 13.74
CA PRO A 108 -6.28 4.15 14.39
C PRO A 108 -5.10 3.17 14.43
N ALA A 109 -3.87 3.69 14.21
CA ALA A 109 -2.61 2.96 14.46
C ALA A 109 -1.76 3.78 15.47
N LYS A 110 -1.54 3.23 16.67
CA LYS A 110 -0.80 3.94 17.72
C LYS A 110 0.26 3.01 18.24
N VAL A 111 1.50 3.50 18.30
CA VAL A 111 2.55 2.73 18.94
C VAL A 111 2.68 3.14 20.44
N PHE A 112 2.24 2.25 21.35
CA PHE A 112 2.24 2.50 22.80
C PHE A 112 3.64 2.75 23.35
N PRO A 113 3.82 3.82 24.13
CA PRO A 113 5.12 4.14 24.74
C PRO A 113 5.75 2.93 25.41
N GLY A 114 7.01 2.68 25.11
CA GLY A 114 7.66 1.48 25.62
C GLY A 114 7.47 0.19 24.82
N LEU A 115 6.59 0.20 23.79
CA LEU A 115 6.38 -1.02 22.96
C LEU A 115 6.98 -0.91 21.55
N GLU A 116 7.82 0.10 21.36
CA GLU A 116 8.48 0.37 20.11
C GLU A 116 9.33 -0.80 19.63
N ARG A 117 9.83 -1.57 20.59
CA ARG A 117 10.67 -2.72 20.27
C ARG A 117 9.89 -3.83 19.55
N LEU A 118 8.56 -3.91 19.75
CA LEU A 118 7.72 -4.93 19.09
C LEU A 118 7.56 -4.78 17.57
N SER A 119 8.01 -3.65 17.01
CA SER A 119 7.89 -3.38 15.57
C SER A 119 9.04 -4.06 14.78
N PRO A 120 8.79 -4.49 13.55
CA PRO A 120 9.88 -4.93 12.69
C PRO A 120 10.82 -3.77 12.37
N LEU A 121 10.35 -2.54 12.50
CA LEU A 121 11.18 -1.39 12.13
C LEU A 121 11.99 -0.96 13.34
N LYS A 122 13.11 -0.26 13.13
CA LYS A 122 13.93 0.31 14.21
C LYS A 122 13.05 1.22 15.08
N GLU A 123 13.43 1.37 16.34
CA GLU A 123 12.61 2.06 17.37
C GLU A 123 12.35 3.54 17.10
N GLU A 124 13.25 4.18 16.38
CA GLU A 124 13.12 5.60 16.15
C GLU A 124 12.02 5.92 15.15
N ILE A 125 11.79 5.01 14.21
CA ILE A 125 10.69 5.17 13.24
C ILE A 125 9.30 4.95 13.90
N ALA A 126 9.23 3.94 14.76
CA ALA A 126 7.99 3.54 15.44
C ALA A 126 7.58 4.45 16.62
N ARG A 127 8.58 4.97 17.31
CA ARG A 127 8.38 5.89 18.43
C ARG A 127 7.42 7.06 18.16
N GLY A 128 6.40 7.16 18.99
CA GLY A 128 5.52 8.31 18.92
C GLY A 128 4.37 8.22 17.93
N VAL A 129 4.28 7.11 17.21
CA VAL A 129 3.32 6.99 16.13
C VAL A 129 1.88 7.02 16.66
N ASP A 130 1.08 7.95 16.14
CA ASP A 130 -0.30 8.04 16.54
C ASP A 130 -1.07 8.60 15.33
N VAL A 131 -1.65 7.70 14.55
CA VAL A 131 -2.26 8.06 13.24
C VAL A 131 -3.70 7.56 13.24
N LEU A 132 -4.58 8.30 12.58
CA LEU A 132 -5.98 7.89 12.42
C LEU A 132 -6.26 7.87 10.91
N ILE A 133 -6.48 6.67 10.35
CA ILE A 133 -6.89 6.55 8.95
C ILE A 133 -8.40 6.69 8.93
N VAL A 134 -8.90 7.57 8.09
CA VAL A 134 -10.36 7.80 7.91
C VAL A 134 -10.55 7.37 6.44
N ARG A 135 -11.16 6.19 6.29
CA ARG A 135 -11.25 5.53 4.98
C ARG A 135 -12.70 5.65 4.52
N GLU A 136 -12.93 6.06 3.28
CA GLU A 136 -14.30 6.10 2.73
C GLU A 136 -14.76 4.65 2.48
N LEU A 137 -15.90 4.23 3.06
CA LEU A 137 -16.19 2.81 3.14
C LEU A 137 -17.32 2.28 2.22
N THR A 138 -18.11 3.16 1.63
CA THR A 138 -19.28 2.67 0.88
C THR A 138 -19.29 3.10 -0.57
N GLY A 139 -18.17 3.56 -1.07
CA GLY A 139 -18.10 4.03 -2.41
C GLY A 139 -16.88 3.54 -3.14
N GLY A 140 -16.49 4.25 -4.20
CA GLY A 140 -15.27 3.87 -4.96
C GLY A 140 -15.42 2.56 -5.68
N ILE A 141 -14.29 1.94 -6.00
CA ILE A 141 -14.25 0.75 -6.80
C ILE A 141 -14.99 -0.44 -6.17
N TYR A 142 -15.14 -0.42 -4.84
CA TYR A 142 -15.79 -1.53 -4.10
C TYR A 142 -17.27 -1.69 -4.49
N PHE A 143 -17.95 -0.58 -4.77
CA PHE A 143 -19.37 -0.56 -5.10
C PHE A 143 -19.66 0.00 -6.49
N GLY A 144 -18.66 0.47 -7.22
CA GLY A 144 -18.96 1.17 -8.46
C GLY A 144 -19.45 0.27 -9.58
N GLU A 145 -20.25 0.87 -10.48
CA GLU A 145 -20.71 0.22 -11.68
C GLU A 145 -20.36 1.03 -12.91
N PRO A 146 -20.18 0.37 -14.07
CA PRO A 146 -20.26 -1.08 -14.33
C PRO A 146 -19.14 -1.95 -13.72
N ARG A 147 -19.45 -3.22 -13.52
CA ARG A 147 -18.49 -4.18 -13.00
C ARG A 147 -18.87 -5.51 -13.64
N GLY A 148 -17.90 -6.30 -14.09
CA GLY A 148 -18.22 -7.65 -14.48
C GLY A 148 -17.03 -8.36 -15.04
N MET A 149 -17.27 -9.42 -15.82
CA MET A 149 -16.24 -10.34 -16.23
C MET A 149 -16.81 -11.19 -17.39
N SER A 150 -16.02 -11.37 -18.44
CA SER A 150 -16.25 -12.35 -19.50
C SER A 150 -15.02 -13.23 -19.64
N GLU A 151 -14.96 -13.98 -20.73
CA GLU A 151 -13.83 -14.89 -20.98
C GLU A 151 -12.57 -14.13 -21.41
N ALA A 152 -12.78 -12.98 -22.05
CA ALA A 152 -11.70 -12.20 -22.64
C ALA A 152 -11.19 -11.05 -21.77
N GLU A 153 -11.97 -10.60 -20.79
CA GLU A 153 -11.65 -9.39 -19.94
C GLU A 153 -12.50 -9.26 -18.69
N ALA A 154 -12.13 -8.34 -17.81
CA ALA A 154 -12.93 -8.04 -16.62
C ALA A 154 -12.76 -6.52 -16.37
N TRP A 155 -13.69 -5.93 -15.61
CA TRP A 155 -13.74 -4.48 -15.47
C TRP A 155 -14.38 -4.16 -14.16
N ASN A 156 -13.86 -3.12 -13.52
CA ASN A 156 -14.49 -2.59 -12.30
C ASN A 156 -14.38 -1.09 -12.43
N THR A 157 -15.28 -0.34 -11.81
CA THR A 157 -15.21 1.12 -12.01
C THR A 157 -14.90 1.81 -10.70
N GLU A 158 -13.77 2.54 -10.68
CA GLU A 158 -13.51 3.45 -9.52
C GLU A 158 -14.26 4.79 -9.75
N ARG A 159 -15.18 5.17 -8.87
CA ARG A 159 -15.95 6.39 -9.09
C ARG A 159 -16.38 7.01 -7.82
N TYR A 160 -16.42 8.35 -7.78
CA TYR A 160 -16.94 9.04 -6.60
C TYR A 160 -17.76 10.23 -7.01
N SER A 161 -18.89 10.48 -6.34
CA SER A 161 -19.57 11.76 -6.56
C SER A 161 -19.10 12.80 -5.51
N LYS A 162 -19.45 14.07 -5.76
CA LYS A 162 -19.14 15.15 -4.85
C LYS A 162 -19.64 14.91 -3.40
N PRO A 163 -20.94 14.61 -3.21
CA PRO A 163 -21.40 14.41 -1.80
C PRO A 163 -20.70 13.23 -1.06
N GLU A 164 -20.26 12.20 -1.76
CA GLU A 164 -19.54 11.07 -1.09
C GLU A 164 -18.18 11.52 -0.57
N VAL A 165 -17.40 12.18 -1.42
CA VAL A 165 -16.17 12.78 -0.96
C VAL A 165 -16.34 13.80 0.17
N GLU A 166 -17.31 14.71 0.02
CA GLU A 166 -17.58 15.76 1.03
C GLU A 166 -17.89 15.18 2.38
N ARG A 167 -18.70 14.13 2.41
CA ARG A 167 -19.11 13.66 3.73
C ARG A 167 -17.96 12.94 4.42
N VAL A 168 -17.10 12.27 3.66
CA VAL A 168 -15.96 11.59 4.34
C VAL A 168 -14.91 12.62 4.76
N ALA A 169 -14.69 13.62 3.91
CA ALA A 169 -13.76 14.70 4.21
C ALA A 169 -14.19 15.45 5.47
N ARG A 170 -15.50 15.68 5.59
CA ARG A 170 -16.03 16.32 6.79
C ARG A 170 -15.64 15.53 8.06
N VAL A 171 -15.91 14.23 8.07
CA VAL A 171 -15.53 13.39 9.23
C VAL A 171 -14.03 13.50 9.56
N ALA A 172 -13.20 13.49 8.53
CA ALA A 172 -11.74 13.60 8.75
C ALA A 172 -11.34 14.99 9.35
N PHE A 173 -11.92 16.08 8.85
CA PHE A 173 -11.67 17.36 9.51
C PHE A 173 -12.22 17.43 10.96
N GLU A 174 -13.43 16.92 11.20
CA GLU A 174 -13.96 16.90 12.59
C GLU A 174 -13.07 16.11 13.54
N ALA A 175 -12.59 14.97 13.05
CA ALA A 175 -11.66 14.14 13.79
C ALA A 175 -10.36 14.87 14.01
N ALA A 176 -9.83 15.55 12.97
CA ALA A 176 -8.51 16.20 13.16
C ALA A 176 -8.63 17.33 14.20
N ARG A 177 -9.71 18.13 14.08
CA ARG A 177 -9.99 19.18 15.05
C ARG A 177 -10.01 18.62 16.50
N LYS A 178 -10.36 17.36 16.69
CA LYS A 178 -10.29 16.81 18.03
C LYS A 178 -8.97 16.10 18.32
N ARG A 179 -8.02 16.20 17.40
CA ARG A 179 -6.74 15.53 17.63
C ARG A 179 -5.63 16.59 17.53
N ARG A 180 -4.83 16.57 16.47
CA ARG A 180 -3.71 17.49 16.31
C ARG A 180 -3.84 18.40 15.11
N LYS A 181 -5.06 18.52 14.58
CA LYS A 181 -5.41 19.46 13.53
C LYS A 181 -4.52 19.41 12.25
N HIS A 182 -4.15 18.20 11.85
CA HIS A 182 -3.47 18.01 10.59
C HIS A 182 -4.15 16.85 9.83
N VAL A 183 -4.54 17.09 8.59
CA VAL A 183 -5.07 16.08 7.69
C VAL A 183 -4.11 15.92 6.51
N VAL A 184 -3.75 14.68 6.19
CA VAL A 184 -3.18 14.39 4.85
C VAL A 184 -4.22 13.66 4.03
N SER A 185 -4.56 14.17 2.86
CA SER A 185 -5.44 13.49 1.92
C SER A 185 -4.67 12.77 0.83
N VAL A 186 -5.05 11.51 0.55
CA VAL A 186 -4.17 10.59 -0.25
C VAL A 186 -4.90 10.20 -1.52
N ASP A 187 -4.26 10.34 -2.69
CA ASP A 187 -4.93 10.09 -3.95
C ASP A 187 -3.90 9.71 -5.04
N LYS A 188 -4.33 9.51 -6.28
CA LYS A 188 -3.41 9.35 -7.38
C LYS A 188 -3.78 10.43 -8.44
N ALA A 189 -3.95 11.67 -7.96
CA ALA A 189 -4.34 12.81 -8.83
C ALA A 189 -3.42 13.04 -10.05
N ASN A 190 -2.16 12.59 -10.00
CA ASN A 190 -1.27 12.74 -11.19
C ASN A 190 -1.53 11.76 -12.33
N VAL A 191 -2.36 10.75 -12.10
CA VAL A 191 -2.71 9.73 -13.11
C VAL A 191 -4.22 9.71 -13.39
N LEU A 192 -5.05 9.98 -12.38
CA LEU A 192 -6.45 9.57 -12.45
C LEU A 192 -7.40 10.73 -12.21
N GLU A 193 -8.37 10.91 -13.12
CA GLU A 193 -9.47 11.87 -12.98
C GLU A 193 -10.16 11.77 -11.63
N VAL A 194 -10.37 10.56 -11.17
CA VAL A 194 -10.97 10.41 -9.84
C VAL A 194 -10.06 10.96 -8.72
N GLY A 195 -8.73 10.88 -8.86
CA GLY A 195 -7.86 11.51 -7.83
C GLY A 195 -7.94 13.05 -7.93
N GLU A 196 -8.02 13.58 -9.15
CA GLU A 196 -8.06 15.04 -9.35
C GLU A 196 -9.34 15.54 -8.69
N PHE A 197 -10.42 14.82 -8.93
CA PHE A 197 -11.71 15.16 -8.36
C PHE A 197 -11.68 15.02 -6.83
N TRP A 198 -11.15 13.89 -6.35
CA TRP A 198 -11.03 13.74 -4.91
C TRP A 198 -10.27 14.94 -4.29
N ARG A 199 -9.09 15.23 -4.83
CA ARG A 199 -8.24 16.31 -4.29
C ARG A 199 -8.95 17.67 -4.22
N LYS A 200 -9.59 18.03 -5.32
CA LYS A 200 -10.24 19.35 -5.44
C LYS A 200 -11.40 19.43 -4.44
N THR A 201 -12.14 18.33 -4.27
CA THR A 201 -13.27 18.34 -3.36
C THR A 201 -12.79 18.42 -1.91
N VAL A 202 -11.77 17.66 -1.54
CA VAL A 202 -11.24 17.75 -0.18
C VAL A 202 -10.66 19.16 0.07
N GLU A 203 -10.00 19.76 -0.95
CA GLU A 203 -9.55 21.17 -0.85
C GLU A 203 -10.73 22.13 -0.50
N GLU A 204 -11.85 22.04 -1.24
CA GLU A 204 -13.05 22.83 -0.92
C GLU A 204 -13.54 22.63 0.49
N VAL A 205 -13.72 21.36 0.91
CA VAL A 205 -14.17 21.06 2.28
C VAL A 205 -13.23 21.67 3.30
N GLY A 206 -11.92 21.56 3.07
CA GLY A 206 -10.90 22.12 3.97
C GLY A 206 -10.99 23.65 4.11
N ARG A 207 -11.48 24.34 3.07
CA ARG A 207 -11.73 25.79 3.21
C ARG A 207 -12.73 26.14 4.31
N GLY A 208 -13.64 25.21 4.61
CA GLY A 208 -14.50 25.24 5.81
C GLY A 208 -13.81 24.96 7.14
N TYR A 209 -12.54 24.53 7.12
CA TYR A 209 -11.81 24.21 8.38
C TYR A 209 -10.41 24.84 8.36
N PRO A 210 -10.35 26.19 8.38
CA PRO A 210 -9.07 26.86 8.32
C PRO A 210 -8.15 26.59 9.53
N ASP A 211 -8.69 26.13 10.66
CA ASP A 211 -7.87 25.77 11.83
C ASP A 211 -7.11 24.42 11.67
N VAL A 212 -7.41 23.70 10.59
CA VAL A 212 -6.83 22.40 10.33
C VAL A 212 -5.89 22.51 9.12
N ALA A 213 -4.66 22.08 9.28
CA ALA A 213 -3.68 22.09 8.18
C ALA A 213 -3.95 20.92 7.20
N LEU A 214 -3.94 21.19 5.90
CA LEU A 214 -4.24 20.18 4.92
C LEU A 214 -3.10 20.01 3.96
N GLU A 215 -2.66 18.76 3.76
CA GLU A 215 -1.55 18.36 2.87
C GLU A 215 -2.09 17.26 1.94
N HIS A 216 -1.61 17.19 0.72
CA HIS A 216 -1.87 16.03 -0.16
C HIS A 216 -0.61 15.16 -0.42
N GLN A 217 -0.80 13.84 -0.56
CA GLN A 217 0.24 12.93 -1.00
C GLN A 217 -0.37 11.94 -1.99
N TYR A 218 0.40 11.56 -2.99
CA TYR A 218 0.10 10.43 -3.85
C TYR A 218 0.26 9.15 -3.02
N VAL A 219 -0.62 8.17 -3.27
CA VAL A 219 -0.65 6.90 -2.53
C VAL A 219 0.71 6.14 -2.50
N ASP A 220 1.50 6.14 -3.58
CA ASP A 220 2.76 5.43 -3.53
C ASP A 220 3.73 6.08 -2.51
N ALA A 221 3.91 7.40 -2.59
CA ALA A 221 4.73 8.16 -1.64
C ALA A 221 4.21 8.02 -0.17
N MET A 222 2.90 8.13 0.01
CA MET A 222 2.29 7.94 1.33
C MET A 222 2.68 6.58 1.98
N ALA A 223 2.64 5.49 1.19
CA ALA A 223 3.07 4.16 1.67
C ALA A 223 4.53 4.20 2.15
N MET A 224 5.44 4.77 1.35
CA MET A 224 6.83 4.93 1.76
C MET A 224 6.93 5.80 3.06
N HIS A 225 6.29 6.99 3.08
CA HIS A 225 6.32 7.93 4.22
C HIS A 225 5.77 7.31 5.49
N LEU A 226 4.72 6.53 5.32
CA LEU A 226 4.11 5.88 6.47
C LEU A 226 5.09 4.86 7.14
N VAL A 227 6.09 4.42 6.40
CA VAL A 227 7.11 3.58 7.02
C VAL A 227 8.44 4.30 7.27
N ARG A 228 8.65 5.50 6.76
CA ARG A 228 9.84 6.21 7.15
C ARG A 228 9.61 7.28 8.21
N SER A 229 8.50 8.02 8.11
CA SER A 229 8.22 9.21 8.94
C SER A 229 6.86 9.19 9.57
N PRO A 230 6.42 8.03 10.07
CA PRO A 230 5.02 7.94 10.46
C PRO A 230 4.58 8.89 11.59
N ALA A 231 5.52 9.28 12.45
CA ALA A 231 5.22 10.16 13.59
C ALA A 231 4.72 11.54 13.12
N ARG A 232 5.00 11.92 11.87
CA ARG A 232 4.63 13.23 11.37
C ARG A 232 3.17 13.32 10.85
N PHE A 233 2.40 12.26 11.03
CA PHE A 233 1.04 12.24 10.54
C PHE A 233 0.03 12.22 11.67
N ASP A 234 -1.08 12.91 11.47
CA ASP A 234 -2.19 12.88 12.43
C ASP A 234 -3.38 12.14 11.79
N VAL A 235 -4.21 12.84 11.00
CA VAL A 235 -5.30 12.18 10.31
C VAL A 235 -4.96 11.95 8.86
N VAL A 236 -5.33 10.78 8.34
CA VAL A 236 -5.05 10.44 6.97
C VAL A 236 -6.36 10.05 6.36
N VAL A 237 -6.80 10.82 5.36
CA VAL A 237 -8.08 10.59 4.78
C VAL A 237 -7.89 10.08 3.36
N THR A 238 -8.65 9.05 2.99
CA THR A 238 -8.48 8.44 1.67
C THR A 238 -9.71 7.63 1.22
N GLY A 239 -9.75 7.23 -0.04
CA GLY A 239 -10.84 6.40 -0.60
C GLY A 239 -10.82 4.92 -0.17
N ASN A 240 -11.72 4.14 -0.76
CA ASN A 240 -12.02 2.79 -0.25
C ASN A 240 -10.82 1.82 -0.37
N ILE A 241 -10.27 1.71 -1.59
CA ILE A 241 -9.18 0.75 -1.78
C ILE A 241 -7.87 1.21 -1.16
N PHE A 242 -7.52 2.47 -1.32
CA PHE A 242 -6.26 2.94 -0.76
C PHE A 242 -6.31 2.86 0.75
N GLY A 243 -7.49 3.02 1.36
CA GLY A 243 -7.57 3.02 2.81
C GLY A 243 -7.38 1.61 3.36
N ASP A 244 -7.81 0.62 2.58
CA ASP A 244 -7.68 -0.81 2.92
C ASP A 244 -6.19 -1.20 2.92
N ILE A 245 -5.47 -0.83 1.86
CA ILE A 245 -4.05 -1.12 1.78
C ILE A 245 -3.24 -0.40 2.88
N LEU A 246 -3.40 0.93 3.00
CA LEU A 246 -2.62 1.69 3.96
C LEU A 246 -2.90 1.27 5.39
N SER A 247 -4.11 0.86 5.69
CA SER A 247 -4.37 0.40 7.06
C SER A 247 -3.77 -0.98 7.43
N ASP A 248 -3.74 -1.93 6.49
CA ASP A 248 -2.92 -3.16 6.75
C ASP A 248 -1.44 -2.82 6.85
N LEU A 249 -0.97 -1.91 6.01
CA LEU A 249 0.42 -1.46 6.08
C LEU A 249 0.72 -0.81 7.50
N ALA A 250 -0.21 -0.04 8.05
CA ALA A 250 0.07 0.70 9.29
C ALA A 250 0.26 -0.24 10.52
N SER A 251 -0.17 -1.51 10.38
CA SER A 251 0.03 -2.52 11.45
C SER A 251 1.50 -2.77 11.75
N VAL A 252 2.37 -2.47 10.80
CA VAL A 252 3.78 -2.82 11.04
C VAL A 252 4.37 -1.85 12.04
N LEU A 253 3.65 -0.74 12.30
CA LEU A 253 4.11 0.27 13.23
C LEU A 253 4.05 -0.28 14.64
N PRO A 254 2.84 -0.63 15.17
CA PRO A 254 2.85 -1.26 16.50
C PRO A 254 3.43 -2.70 16.43
N GLY A 255 3.31 -3.32 15.28
CA GLY A 255 4.13 -4.49 14.95
C GLY A 255 3.37 -5.72 14.50
N SER A 256 2.03 -5.71 14.62
CA SER A 256 1.26 -6.83 14.13
C SER A 256 -0.16 -6.43 13.73
N LEU A 257 -0.71 -7.14 12.73
CA LEU A 257 -2.04 -6.92 12.28
C LEU A 257 -3.05 -7.36 13.33
N GLY A 258 -2.63 -8.22 14.26
CA GLY A 258 -3.57 -8.59 15.37
C GLY A 258 -3.86 -7.46 16.40
N LEU A 259 -3.24 -6.27 16.23
CA LEU A 259 -3.40 -5.12 17.17
C LEU A 259 -4.44 -4.08 16.75
N LEU A 260 -4.82 -4.04 15.48
CA LEU A 260 -5.52 -2.83 14.94
C LEU A 260 -7.04 -2.90 14.98
N PRO A 261 -7.68 -1.95 15.69
CA PRO A 261 -9.14 -1.90 15.75
C PRO A 261 -9.73 -1.00 14.66
N SER A 262 -11.06 -1.02 14.54
CA SER A 262 -11.77 -0.14 13.60
C SER A 262 -13.19 0.18 14.07
N ALA A 263 -13.71 1.31 13.60
CA ALA A 263 -15.12 1.67 13.78
C ALA A 263 -15.65 2.14 12.45
N SER A 264 -16.86 1.70 12.12
CA SER A 264 -17.52 2.14 10.93
C SER A 264 -18.77 2.90 11.31
N LEU A 265 -18.81 4.17 10.95
CA LEU A 265 -19.86 5.10 11.34
C LEU A 265 -20.51 5.71 10.10
N GLY A 266 -21.77 6.10 10.23
CA GLY A 266 -22.50 6.80 9.17
C GLY A 266 -23.96 6.85 9.63
N ARG A 267 -24.90 6.52 8.75
CA ARG A 267 -26.34 6.75 9.03
C ARG A 267 -26.98 5.76 9.98
N GLY A 268 -26.64 4.47 9.85
CA GLY A 268 -27.30 3.42 10.65
C GLY A 268 -26.51 2.96 11.85
N THR A 269 -26.71 1.69 12.25
CA THR A 269 -26.02 1.12 13.42
C THR A 269 -24.47 1.08 13.23
N PRO A 270 -23.70 1.67 14.18
CA PRO A 270 -22.25 1.69 14.06
C PRO A 270 -21.61 0.29 14.30
N VAL A 271 -20.54 -0.01 13.55
CA VAL A 271 -19.94 -1.35 13.59
C VAL A 271 -18.48 -1.26 14.08
N PHE A 272 -18.14 -2.10 15.03
CA PHE A 272 -16.81 -2.12 15.59
C PHE A 272 -16.14 -3.46 15.34
N ALA A 273 -14.95 -3.46 14.71
CA ALA A 273 -14.37 -4.73 14.30
C ALA A 273 -12.87 -4.62 14.06
N PRO A 274 -12.12 -5.72 14.28
CA PRO A 274 -10.74 -5.70 13.85
C PRO A 274 -10.56 -5.36 12.38
N VAL A 275 -9.44 -4.71 12.10
CA VAL A 275 -8.90 -4.61 10.75
C VAL A 275 -8.63 -5.99 10.11
N HIS A 276 -8.01 -6.88 10.89
CA HIS A 276 -7.57 -8.17 10.42
C HIS A 276 -8.68 -9.08 9.92
N GLY A 277 -8.33 -10.03 9.07
CA GLY A 277 -9.36 -11.02 8.63
C GLY A 277 -9.53 -12.28 9.46
N SER A 278 -9.99 -13.35 8.81
CA SER A 278 -10.36 -14.56 9.55
C SER A 278 -9.16 -15.44 9.87
N ALA A 279 -7.97 -15.06 9.36
CA ALA A 279 -6.70 -15.78 9.64
C ALA A 279 -6.73 -17.35 9.65
N PRO A 280 -7.32 -17.99 8.61
CA PRO A 280 -7.49 -19.47 8.56
C PRO A 280 -6.21 -20.29 8.85
N ASP A 281 -5.04 -19.74 8.53
CA ASP A 281 -3.78 -20.38 8.88
C ASP A 281 -3.54 -20.56 10.44
N ILE A 282 -4.30 -19.87 11.29
CA ILE A 282 -4.08 -20.03 12.74
C ILE A 282 -5.39 -20.31 13.48
N ALA A 283 -6.51 -20.26 12.78
CA ALA A 283 -7.80 -20.54 13.38
C ALA A 283 -7.76 -21.92 14.05
N GLY A 284 -8.37 -22.03 15.25
CA GLY A 284 -8.46 -23.31 15.93
C GLY A 284 -7.25 -23.65 16.80
N LYS A 285 -6.24 -22.80 16.83
CA LYS A 285 -5.03 -23.13 17.56
C LYS A 285 -4.93 -22.39 18.90
N GLY A 286 -5.93 -21.57 19.21
CA GLY A 286 -5.98 -20.80 20.47
C GLY A 286 -4.84 -19.80 20.65
N ILE A 287 -4.30 -19.29 19.54
CA ILE A 287 -3.17 -18.36 19.61
C ILE A 287 -3.48 -16.93 19.07
N ALA A 288 -4.59 -16.76 18.34
CA ALA A 288 -4.93 -15.46 17.72
C ALA A 288 -4.87 -14.30 18.73
N ASN A 289 -4.12 -13.27 18.39
CA ASN A 289 -4.06 -12.04 19.20
C ASN A 289 -5.47 -11.39 19.23
N PRO A 290 -6.08 -11.33 20.43
CA PRO A 290 -7.40 -10.69 20.58
C PRO A 290 -7.33 -9.16 20.78
N THR A 291 -6.14 -8.53 20.66
CA THR A 291 -6.02 -7.10 20.92
C THR A 291 -6.93 -6.22 20.06
N ALA A 292 -6.95 -6.48 18.74
CA ALA A 292 -7.82 -5.75 17.81
C ALA A 292 -9.31 -5.82 18.21
N ALA A 293 -9.75 -7.02 18.54
CA ALA A 293 -11.15 -7.21 18.92
C ALA A 293 -11.43 -6.46 20.21
N ILE A 294 -10.53 -6.59 21.19
CA ILE A 294 -10.70 -5.89 22.52
C ILE A 294 -10.73 -4.36 22.37
N LEU A 295 -9.81 -3.83 21.58
CA LEU A 295 -9.73 -2.44 21.34
C LEU A 295 -10.89 -1.95 20.49
N SER A 296 -11.50 -2.84 19.70
CA SER A 296 -12.69 -2.53 18.97
C SER A 296 -13.86 -2.41 19.95
N ALA A 297 -13.85 -3.22 21.01
CA ALA A 297 -14.91 -3.10 22.01
C ALA A 297 -14.67 -1.79 22.76
N ALA A 298 -13.40 -1.38 22.88
CA ALA A 298 -13.12 -0.10 23.51
C ALA A 298 -13.59 1.08 22.64
N MET A 299 -13.41 0.98 21.33
CA MET A 299 -14.00 1.97 20.42
C MET A 299 -15.53 2.02 20.47
N MET A 300 -16.19 0.86 20.59
CA MET A 300 -17.63 0.84 20.79
C MET A 300 -18.10 1.58 22.07
N LEU A 301 -17.45 1.31 23.19
CA LEU A 301 -17.70 2.01 24.45
C LEU A 301 -17.65 3.53 24.31
N GLU A 302 -16.60 4.03 23.68
CA GLU A 302 -16.39 5.43 23.45
C GLU A 302 -17.34 6.05 22.45
N HIS A 303 -17.37 5.54 21.22
CA HIS A 303 -18.09 6.18 20.09
C HIS A 303 -19.56 5.91 20.14
N ALA A 304 -19.98 4.72 20.55
CA ALA A 304 -21.41 4.40 20.50
C ALA A 304 -22.11 4.78 21.78
N PHE A 305 -21.35 4.76 22.87
CA PHE A 305 -21.95 4.96 24.19
C PHE A 305 -21.35 6.12 24.98
N GLY A 306 -20.39 6.86 24.39
CA GLY A 306 -19.81 8.01 25.06
C GLY A 306 -18.99 7.69 26.30
N LEU A 307 -18.70 6.41 26.55
CA LEU A 307 -17.93 6.04 27.75
C LEU A 307 -16.40 6.14 27.52
N VAL A 308 -15.92 7.40 27.36
CA VAL A 308 -14.52 7.68 27.06
C VAL A 308 -13.55 7.10 28.10
N GLU A 309 -13.89 7.25 29.38
CA GLU A 309 -12.95 6.85 30.44
C GLU A 309 -12.86 5.34 30.58
N LEU A 310 -13.94 4.64 30.31
CA LEU A 310 -13.92 3.20 30.32
C LEU A 310 -13.07 2.66 29.16
N ALA A 311 -13.28 3.22 27.96
CA ALA A 311 -12.45 2.96 26.78
C ALA A 311 -10.96 3.13 27.07
N ARG A 312 -10.58 4.23 27.74
CA ARG A 312 -9.17 4.49 28.10
C ARG A 312 -8.62 3.46 29.07
N LYS A 313 -9.44 3.03 30.02
CA LYS A 313 -9.04 1.97 30.95
C LYS A 313 -8.76 0.64 30.22
N VAL A 314 -9.62 0.27 29.29
CA VAL A 314 -9.39 -0.92 28.43
C VAL A 314 -8.05 -0.79 27.68
N GLU A 315 -7.87 0.30 26.95
CA GLU A 315 -6.64 0.57 26.22
C GLU A 315 -5.37 0.43 27.08
N ASP A 316 -5.39 1.04 28.26
CA ASP A 316 -4.26 0.94 29.17
CA ASP A 316 -4.26 0.96 29.20
C ASP A 316 -4.04 -0.49 29.69
N ALA A 317 -5.13 -1.21 29.96
CA ALA A 317 -5.01 -2.60 30.37
C ALA A 317 -4.40 -3.46 29.26
N VAL A 318 -4.77 -3.20 28.01
CA VAL A 318 -4.19 -3.90 26.86
C VAL A 318 -2.70 -3.55 26.69
N ALA A 319 -2.36 -2.27 26.81
CA ALA A 319 -0.92 -1.90 26.67
C ALA A 319 -0.03 -2.56 27.75
N LYS A 320 -0.54 -2.68 28.99
CA LYS A 320 0.22 -3.37 30.07
C LYS A 320 0.33 -4.87 29.83
N ALA A 321 -0.79 -5.50 29.45
CA ALA A 321 -0.78 -6.91 29.07
C ALA A 321 0.20 -7.18 27.92
N LEU A 322 0.28 -6.28 26.94
CA LEU A 322 1.23 -6.48 25.85
C LEU A 322 2.68 -6.43 26.31
N LEU A 323 2.93 -5.57 27.29
CA LEU A 323 4.28 -5.41 27.84
C LEU A 323 4.65 -6.60 28.73
N GLU A 324 3.67 -7.11 29.46
CA GLU A 324 3.87 -8.19 30.37
C GLU A 324 3.82 -9.58 29.67
N THR A 325 2.71 -9.91 29.02
CA THR A 325 2.55 -11.24 28.40
C THR A 325 2.15 -11.16 26.93
N PRO A 326 3.11 -10.81 26.03
CA PRO A 326 2.82 -10.65 24.61
C PRO A 326 2.32 -11.92 23.92
N PRO A 327 1.44 -11.78 22.92
CA PRO A 327 1.00 -12.99 22.17
C PRO A 327 2.10 -13.41 21.16
N PRO A 328 1.96 -14.60 20.54
CA PRO A 328 3.01 -15.10 19.67
C PRO A 328 3.35 -14.29 18.42
N ASP A 329 2.39 -13.58 17.81
CA ASP A 329 2.68 -12.67 16.66
C ASP A 329 3.59 -11.52 17.05
N LEU A 330 3.79 -11.28 18.35
CA LEU A 330 4.72 -10.24 18.80
C LEU A 330 5.87 -10.84 19.61
N GLY A 331 6.22 -12.07 19.27
CA GLY A 331 7.43 -12.71 19.74
C GLY A 331 7.27 -13.27 21.11
N GLY A 332 6.05 -13.37 21.62
CA GLY A 332 5.86 -13.83 23.00
C GLY A 332 5.09 -15.14 23.05
N SER A 333 4.70 -15.59 24.23
CA SER A 333 4.11 -16.91 24.31
C SER A 333 2.67 -16.96 24.83
N ALA A 334 1.99 -15.83 24.95
CA ALA A 334 0.66 -15.83 25.59
C ALA A 334 -0.49 -16.13 24.62
N GLY A 335 -1.13 -17.29 24.77
CA GLY A 335 -2.25 -17.65 23.89
C GLY A 335 -3.44 -16.74 24.16
N THR A 336 -4.48 -16.86 23.36
CA THR A 336 -5.67 -16.01 23.42
C THR A 336 -6.31 -15.91 24.80
N GLU A 337 -6.58 -17.06 25.40
CA GLU A 337 -7.15 -17.10 26.74
C GLU A 337 -6.23 -16.44 27.77
N ALA A 338 -4.94 -16.78 27.76
CA ALA A 338 -4.04 -16.25 28.77
C ALA A 338 -3.82 -14.74 28.62
N PHE A 339 -3.77 -14.25 27.38
CA PHE A 339 -3.58 -12.80 27.17
C PHE A 339 -4.79 -12.06 27.69
N THR A 340 -5.96 -12.57 27.35
CA THR A 340 -7.22 -12.01 27.78
C THR A 340 -7.34 -11.92 29.35
N ALA A 341 -6.94 -12.98 30.05
CA ALA A 341 -6.82 -12.97 31.53
C ALA A 341 -5.89 -11.89 32.02
N THR A 342 -4.73 -11.70 31.34
CA THR A 342 -3.80 -10.65 31.74
C THR A 342 -4.54 -9.29 31.66
N VAL A 343 -5.35 -9.10 30.60
CA VAL A 343 -6.04 -7.81 30.38
C VAL A 343 -7.02 -7.56 31.51
N LEU A 344 -7.80 -8.60 31.85
CA LEU A 344 -8.79 -8.56 32.91
C LEU A 344 -8.16 -8.28 34.28
N ARG A 345 -7.00 -8.89 34.55
CA ARG A 345 -6.28 -8.66 35.81
CA ARG A 345 -6.35 -8.66 35.82
C ARG A 345 -6.00 -7.18 35.97
N HIS A 346 -5.47 -6.58 34.90
CA HIS A 346 -5.13 -5.15 34.94
C HIS A 346 -6.34 -4.25 35.05
N LEU A 347 -7.40 -4.61 34.34
CA LEU A 347 -8.66 -3.93 34.48
C LEU A 347 -9.08 -3.90 35.94
N ALA A 348 -9.26 -5.09 36.52
CA ALA A 348 -9.61 -5.22 37.93
C ALA A 348 -8.67 -4.47 38.89
N ALA A 349 -7.39 -4.36 38.59
CA ALA A 349 -6.47 -3.65 39.49
C ALA A 349 -6.69 -2.13 39.52
N ALA A 350 -7.05 -1.55 38.38
CA ALA A 350 -7.05 -0.09 38.17
C ALA A 350 -7.98 0.71 39.09
N MET B 4 26.54 1.24 -28.97
CA MET B 4 25.67 1.52 -27.79
C MET B 4 24.94 2.89 -27.88
N LYS B 5 23.78 2.91 -28.52
CA LYS B 5 23.05 4.16 -28.79
C LYS B 5 21.89 4.41 -27.79
N VAL B 6 21.99 5.53 -27.06
CA VAL B 6 21.16 5.83 -25.90
C VAL B 6 20.48 7.21 -26.02
N ALA B 7 19.16 7.28 -25.78
CA ALA B 7 18.43 8.54 -25.59
C ALA B 7 18.38 8.88 -24.10
N VAL B 8 18.88 10.08 -23.75
CA VAL B 8 18.93 10.59 -22.38
C VAL B 8 17.81 11.65 -22.21
N LEU B 9 16.93 11.44 -21.26
CA LEU B 9 15.76 12.32 -21.08
C LEU B 9 15.77 12.80 -19.64
N PRO B 10 16.53 13.88 -19.33
CA PRO B 10 16.81 14.27 -17.94
C PRO B 10 15.60 14.65 -17.09
N GLY B 11 14.51 15.15 -17.67
CA GLY B 11 13.33 15.49 -16.85
C GLY B 11 13.46 16.75 -16.01
N ASP B 12 12.82 16.75 -14.81
CA ASP B 12 12.65 17.93 -13.89
C ASP B 12 13.16 17.64 -12.46
N GLY B 13 13.22 18.67 -11.61
CA GLY B 13 13.66 18.56 -10.23
C GLY B 13 14.98 17.82 -10.04
N ILE B 14 15.01 16.71 -9.29
CA ILE B 14 16.29 15.95 -9.15
C ILE B 14 16.68 15.10 -10.37
N GLY B 15 15.74 14.95 -11.31
CA GLY B 15 15.93 14.16 -12.51
C GLY B 15 17.23 14.43 -13.26
N PRO B 16 17.47 15.69 -13.69
CA PRO B 16 18.78 16.00 -14.32
C PRO B 16 20.01 15.77 -13.43
N GLU B 17 19.85 15.96 -12.11
CA GLU B 17 20.97 15.84 -11.17
C GLU B 17 21.43 14.38 -11.08
N VAL B 18 20.51 13.46 -10.78
CA VAL B 18 20.85 12.03 -10.68
C VAL B 18 21.19 11.41 -12.05
N THR B 19 20.56 11.91 -13.12
CA THR B 19 20.84 11.45 -14.48
C THR B 19 22.28 11.83 -14.93
N GLU B 20 22.73 13.02 -14.55
CA GLU B 20 24.10 13.40 -14.87
C GLU B 20 25.07 12.50 -14.12
N ALA B 21 24.75 12.15 -12.88
CA ALA B 21 25.61 11.24 -12.10
C ALA B 21 25.75 9.85 -12.77
N ALA B 22 24.64 9.33 -13.31
CA ALA B 22 24.67 8.04 -13.99
C ALA B 22 25.48 8.15 -15.30
N LEU B 23 25.34 9.28 -15.99
CA LEU B 23 26.17 9.56 -17.17
C LEU B 23 27.68 9.52 -16.93
N LYS B 24 28.12 10.02 -15.77
CA LYS B 24 29.54 10.05 -15.47
C LYS B 24 30.04 8.63 -15.26
N VAL B 25 29.19 7.81 -14.66
CA VAL B 25 29.49 6.40 -14.47
C VAL B 25 29.55 5.71 -15.84
N LEU B 26 28.52 5.93 -16.66
CA LEU B 26 28.55 5.39 -18.04
C LEU B 26 29.78 5.84 -18.87
N ARG B 27 30.11 7.12 -18.84
CA ARG B 27 31.33 7.61 -19.48
C ARG B 27 32.63 6.95 -18.99
N ALA B 28 32.85 6.86 -17.68
CA ALA B 28 34.04 6.15 -17.15
C ALA B 28 34.08 4.70 -17.62
N LEU B 29 32.91 4.07 -17.70
CA LEU B 29 32.80 2.69 -18.18
C LEU B 29 33.08 2.55 -19.65
N ASP B 30 32.63 3.54 -20.43
CA ASP B 30 32.91 3.59 -21.86
C ASP B 30 34.40 3.68 -22.15
N GLU B 31 35.11 4.48 -21.37
CA GLU B 31 36.52 4.65 -21.59
C GLU B 31 37.28 3.37 -21.22
N ALA B 32 37.11 2.88 -19.99
CA ALA B 32 37.72 1.60 -19.54
C ALA B 32 37.40 0.38 -20.43
N GLU B 33 36.16 0.29 -20.92
CA GLU B 33 35.71 -0.91 -21.62
C GLU B 33 35.58 -0.78 -23.16
N GLY B 34 35.64 0.44 -23.69
CA GLY B 34 35.48 0.65 -25.14
C GLY B 34 34.10 0.29 -25.66
N LEU B 35 33.05 0.76 -25.00
CA LEU B 35 31.65 0.40 -25.32
C LEU B 35 31.13 1.07 -26.60
N GLY B 36 31.81 2.12 -27.05
CA GLY B 36 31.31 2.87 -28.20
C GLY B 36 29.99 3.53 -27.87
N LEU B 37 29.88 4.02 -26.64
CA LEU B 37 28.71 4.78 -26.23
C LEU B 37 28.49 5.99 -27.14
N ALA B 38 27.24 6.27 -27.49
CA ALA B 38 26.84 7.51 -28.17
C ALA B 38 25.49 7.96 -27.63
N TYR B 39 25.41 9.13 -27.03
CA TYR B 39 24.12 9.51 -26.49
C TYR B 39 23.67 10.88 -26.93
N GLU B 40 22.36 11.11 -26.98
CA GLU B 40 21.84 12.46 -27.23
C GLU B 40 20.87 12.78 -26.12
N VAL B 41 20.77 14.06 -25.76
CA VAL B 41 19.89 14.54 -24.71
C VAL B 41 18.65 15.16 -25.35
N PHE B 42 17.50 14.81 -24.80
CA PHE B 42 16.25 15.28 -25.34
C PHE B 42 15.41 15.91 -24.25
N PRO B 43 14.55 16.86 -24.62
CA PRO B 43 13.73 17.49 -23.60
C PRO B 43 12.52 16.62 -23.25
N PHE B 44 12.20 16.50 -21.97
CA PHE B 44 11.07 15.65 -21.57
C PHE B 44 10.46 16.20 -20.29
N GLY B 45 9.13 16.06 -20.13
CA GLY B 45 8.48 16.52 -18.90
C GLY B 45 8.27 18.01 -18.89
N GLY B 46 8.37 18.62 -17.71
CA GLY B 46 8.24 20.06 -17.56
C GLY B 46 9.24 20.85 -18.42
N ALA B 47 10.51 20.44 -18.45
CA ALA B 47 11.50 21.06 -19.30
C ALA B 47 11.02 21.13 -20.75
N ALA B 48 10.27 20.11 -21.19
CA ALA B 48 9.72 20.10 -22.53
C ALA B 48 8.42 20.90 -22.72
N ILE B 49 7.59 20.97 -21.67
CA ILE B 49 6.37 21.79 -21.69
C ILE B 49 6.77 23.26 -21.88
N ASP B 50 7.84 23.66 -21.22
CA ASP B 50 8.33 25.04 -21.19
C ASP B 50 8.96 25.44 -22.51
N ALA B 51 9.48 24.45 -23.26
CA ALA B 51 10.20 24.72 -24.50
C ALA B 51 9.40 24.37 -25.76
N PHE B 52 8.45 23.42 -25.65
CA PHE B 52 7.63 22.98 -26.77
C PHE B 52 6.12 22.97 -26.52
N GLY B 53 5.69 23.36 -25.32
CA GLY B 53 4.25 23.31 -24.96
C GLY B 53 3.63 21.91 -24.76
N GLU B 54 4.47 20.88 -24.74
CA GLU B 54 4.00 19.52 -24.48
C GLU B 54 5.10 18.64 -23.84
N PRO B 55 4.70 17.66 -23.01
CA PRO B 55 5.72 16.97 -22.22
C PRO B 55 6.51 15.90 -23.00
N PHE B 56 5.92 15.36 -24.08
CA PHE B 56 6.57 14.37 -24.93
C PHE B 56 6.61 14.84 -26.42
N PRO B 57 7.46 15.84 -26.75
CA PRO B 57 7.42 16.43 -28.10
C PRO B 57 7.98 15.51 -29.20
N GLU B 58 7.73 15.87 -30.46
CA GLU B 58 8.13 15.06 -31.62
C GLU B 58 9.61 14.71 -31.75
N PRO B 59 10.53 15.69 -31.58
CA PRO B 59 11.93 15.28 -31.62
C PRO B 59 12.34 14.32 -30.50
N THR B 60 11.73 14.46 -29.33
CA THR B 60 11.90 13.48 -28.23
C THR B 60 11.33 12.07 -28.55
N ARG B 61 10.09 11.98 -29.04
CA ARG B 61 9.59 10.70 -29.54
C ARG B 61 10.51 10.04 -30.60
N LYS B 62 11.05 10.84 -31.52
CA LYS B 62 11.92 10.33 -32.59
C LYS B 62 13.25 9.85 -31.98
N GLY B 63 13.80 10.63 -31.06
CA GLY B 63 15.01 10.20 -30.32
C GLY B 63 14.79 8.84 -29.66
N VAL B 64 13.69 8.69 -28.93
CA VAL B 64 13.38 7.40 -28.30
C VAL B 64 13.24 6.25 -29.30
N GLU B 65 12.47 6.46 -30.39
CA GLU B 65 12.25 5.43 -31.45
C GLU B 65 13.55 4.94 -32.00
N GLU B 66 14.52 5.85 -32.16
CA GLU B 66 15.76 5.51 -32.86
C GLU B 66 16.87 4.98 -31.98
N ALA B 67 16.75 5.20 -30.67
CA ALA B 67 17.73 4.66 -29.73
C ALA B 67 17.55 3.16 -29.53
N GLU B 68 18.60 2.54 -29.01
CA GLU B 68 18.56 1.17 -28.51
C GLU B 68 18.04 1.07 -27.06
N ALA B 69 18.20 2.13 -26.26
CA ALA B 69 17.71 2.18 -24.87
C ALA B 69 17.50 3.64 -24.44
N VAL B 70 16.61 3.87 -23.47
CA VAL B 70 16.42 5.20 -22.93
C VAL B 70 16.85 5.23 -21.47
N LEU B 71 17.66 6.22 -21.13
CA LEU B 71 17.96 6.55 -19.75
C LEU B 71 17.12 7.77 -19.39
N LEU B 72 16.21 7.55 -18.45
CA LEU B 72 15.16 8.51 -18.15
C LEU B 72 15.35 9.15 -16.76
N GLY B 73 15.04 10.43 -16.66
CA GLY B 73 15.01 11.17 -15.40
C GLY B 73 13.55 11.41 -15.04
N SER B 74 13.30 11.59 -13.75
CA SER B 74 11.94 11.80 -13.24
C SER B 74 11.36 13.18 -13.66
N VAL B 75 10.04 13.31 -13.68
CA VAL B 75 9.37 14.53 -14.18
C VAL B 75 8.37 15.03 -13.15
N GLY B 76 7.98 16.28 -13.26
CA GLY B 76 6.89 16.83 -12.45
C GLY B 76 7.42 17.86 -11.50
N GLY B 77 6.51 18.65 -10.93
CA GLY B 77 6.86 19.55 -9.81
C GLY B 77 5.79 20.65 -9.73
N PRO B 78 5.83 21.46 -8.65
CA PRO B 78 4.84 22.53 -8.40
C PRO B 78 4.73 23.49 -9.58
N LYS B 79 5.86 23.75 -10.25
CA LYS B 79 5.88 24.64 -11.38
C LYS B 79 4.72 24.34 -12.35
N TRP B 80 4.39 23.07 -12.60
CA TRP B 80 3.29 22.76 -13.52
C TRP B 80 2.05 22.18 -12.82
N ASP B 81 1.92 22.39 -11.51
CA ASP B 81 0.78 21.81 -10.77
C ASP B 81 -0.55 22.39 -11.29
N GLY B 82 -0.50 23.64 -11.74
CA GLY B 82 -1.65 24.35 -12.26
C GLY B 82 -2.03 24.01 -13.68
N LEU B 83 -1.23 23.24 -14.41
CA LEU B 83 -1.71 22.69 -15.69
C LEU B 83 -2.73 21.60 -15.43
N PRO B 84 -3.67 21.37 -16.36
CA PRO B 84 -4.53 20.22 -16.17
C PRO B 84 -3.74 18.95 -16.46
N ARG B 85 -4.09 17.89 -15.76
CA ARG B 85 -3.41 16.60 -15.82
C ARG B 85 -3.06 16.15 -17.24
N LYS B 86 -4.03 16.24 -18.15
CA LYS B 86 -3.87 15.73 -19.53
C LYS B 86 -2.67 16.30 -20.34
N ILE B 87 -2.09 17.38 -19.86
CA ILE B 87 -0.89 17.94 -20.50
C ILE B 87 0.29 18.08 -19.50
N ARG B 88 0.09 17.53 -18.28
CA ARG B 88 1.11 17.66 -17.19
C ARG B 88 2.38 16.77 -17.43
N PRO B 89 3.51 17.04 -16.75
CA PRO B 89 4.67 16.17 -17.02
C PRO B 89 4.39 14.64 -16.90
N GLU B 90 3.55 14.22 -15.92
CA GLU B 90 3.32 12.78 -15.69
C GLU B 90 2.59 12.09 -16.83
N THR B 91 1.72 12.79 -17.54
CA THR B 91 1.06 12.22 -18.74
C THR B 91 2.09 11.96 -19.88
N GLY B 92 3.15 12.74 -19.95
CA GLY B 92 4.19 12.43 -20.96
C GLY B 92 4.91 11.12 -20.66
N LEU B 93 5.11 10.86 -19.37
CA LEU B 93 5.67 9.60 -18.92
C LEU B 93 4.76 8.46 -19.33
N LEU B 94 3.45 8.59 -19.04
CA LEU B 94 2.52 7.56 -19.43
C LEU B 94 2.50 7.37 -20.94
N SER B 95 2.67 8.46 -21.73
CA SER B 95 2.65 8.37 -23.20
C SER B 95 3.86 7.66 -23.75
N LEU B 96 5.03 8.00 -23.22
CA LEU B 96 6.30 7.29 -23.49
C LEU B 96 6.11 5.79 -23.34
N ARG B 97 5.60 5.37 -22.16
CA ARG B 97 5.40 3.96 -21.89
C ARG B 97 4.44 3.35 -22.91
N LYS B 98 3.34 4.06 -23.18
CA LYS B 98 2.28 3.50 -24.02
C LYS B 98 2.76 3.41 -25.46
N SER B 99 3.42 4.46 -25.95
CA SER B 99 3.91 4.44 -27.34
C SER B 99 4.91 3.32 -27.58
N GLN B 100 5.71 2.97 -26.56
CA GLN B 100 6.69 1.92 -26.77
C GLN B 100 6.17 0.54 -26.38
N ASP B 101 4.90 0.50 -25.97
CA ASP B 101 4.30 -0.73 -25.41
C ASP B 101 5.19 -1.45 -24.44
N LEU B 102 5.70 -0.70 -23.47
CA LEU B 102 6.57 -1.27 -22.44
C LEU B 102 5.66 -1.76 -21.30
N PHE B 103 5.11 -2.97 -21.45
CA PHE B 103 4.09 -3.49 -20.54
C PHE B 103 4.67 -4.15 -19.29
N ALA B 104 5.96 -4.46 -19.33
CA ALA B 104 6.61 -5.15 -18.18
C ALA B 104 7.57 -4.24 -17.43
N ASN B 105 7.16 -3.81 -16.24
CA ASN B 105 8.00 -2.96 -15.41
C ASN B 105 8.69 -3.80 -14.30
N LEU B 106 10.02 -3.84 -14.34
CA LEU B 106 10.85 -4.63 -13.41
C LEU B 106 11.44 -3.71 -12.34
N ARG B 107 11.06 -3.89 -11.08
CA ARG B 107 11.52 -3.05 -9.96
C ARG B 107 12.12 -3.92 -8.85
N PRO B 108 13.45 -4.12 -8.88
CA PRO B 108 14.07 -5.00 -7.87
C PRO B 108 14.31 -4.25 -6.56
N ALA B 109 14.03 -4.92 -5.42
CA ALA B 109 14.36 -4.43 -4.12
C ALA B 109 15.21 -5.46 -3.40
N LYS B 110 16.51 -5.22 -3.34
CA LYS B 110 17.51 -6.15 -2.74
C LYS B 110 18.27 -5.51 -1.57
N VAL B 111 18.49 -6.25 -0.49
CA VAL B 111 19.45 -5.82 0.52
C VAL B 111 20.81 -6.43 0.19
N PHE B 112 21.72 -5.60 -0.30
CA PHE B 112 23.00 -6.10 -0.79
C PHE B 112 23.80 -6.76 0.37
N PRO B 113 24.46 -7.91 0.14
CA PRO B 113 25.17 -8.51 1.30
C PRO B 113 26.13 -7.50 1.92
N GLY B 114 25.90 -7.13 3.18
CA GLY B 114 26.75 -6.13 3.86
C GLY B 114 26.09 -4.80 4.19
N LEU B 115 25.02 -4.47 3.45
CA LEU B 115 24.29 -3.22 3.67
C LEU B 115 23.03 -3.39 4.55
N GLU B 116 22.90 -4.49 5.28
CA GLU B 116 21.74 -4.70 6.17
C GLU B 116 21.51 -3.52 7.13
N ARG B 117 22.59 -2.88 7.55
CA ARG B 117 22.51 -1.79 8.51
C ARG B 117 21.80 -0.58 7.90
N LEU B 118 21.83 -0.47 6.57
CA LEU B 118 21.18 0.66 5.88
C LEU B 118 19.65 0.60 5.89
N SER B 119 19.08 -0.57 6.17
CA SER B 119 17.63 -0.79 6.15
C SER B 119 17.05 -0.29 7.48
N PRO B 120 15.83 0.29 7.49
CA PRO B 120 15.20 0.51 8.83
C PRO B 120 14.66 -0.79 9.47
N LEU B 121 14.62 -1.88 8.71
CA LEU B 121 14.22 -3.18 9.28
C LEU B 121 15.33 -3.73 10.18
N LYS B 122 14.97 -4.42 11.25
CA LYS B 122 15.96 -5.14 12.05
C LYS B 122 16.81 -5.99 11.13
N GLU B 123 18.08 -6.07 11.45
CA GLU B 123 19.02 -6.77 10.57
C GLU B 123 18.65 -8.22 10.17
N GLU B 124 17.96 -8.95 11.05
CA GLU B 124 17.65 -10.36 10.82
C GLU B 124 16.45 -10.50 9.90
N ILE B 125 15.64 -9.44 9.83
CA ILE B 125 14.57 -9.38 8.86
C ILE B 125 15.10 -9.01 7.45
N ALA B 126 16.13 -8.16 7.41
CA ALA B 126 16.66 -7.62 6.18
C ALA B 126 17.71 -8.49 5.50
N ARG B 127 18.28 -9.44 6.23
CA ARG B 127 19.30 -10.34 5.67
C ARG B 127 18.73 -11.24 4.56
N GLY B 128 19.43 -11.20 3.42
CA GLY B 128 19.17 -11.97 2.20
C GLY B 128 17.90 -11.61 1.40
N VAL B 129 17.29 -10.46 1.72
CA VAL B 129 16.10 -9.95 1.03
C VAL B 129 16.47 -9.69 -0.45
N ASP B 130 15.70 -10.27 -1.36
CA ASP B 130 15.95 -10.09 -2.79
C ASP B 130 14.61 -10.31 -3.51
N VAL B 131 13.93 -9.20 -3.76
CA VAL B 131 12.57 -9.26 -4.30
C VAL B 131 12.59 -8.61 -5.67
N LEU B 132 11.81 -9.14 -6.58
CA LEU B 132 11.61 -8.51 -7.88
C LEU B 132 10.12 -8.27 -8.08
N ILE B 133 9.74 -7.00 -8.16
CA ILE B 133 8.38 -6.70 -8.54
C ILE B 133 8.30 -6.63 -10.05
N VAL B 134 7.33 -7.35 -10.62
CA VAL B 134 6.95 -7.32 -12.02
C VAL B 134 5.56 -6.71 -12.09
N ARG B 135 5.51 -5.46 -12.51
CA ARG B 135 4.29 -4.67 -12.54
C ARG B 135 3.82 -4.49 -13.99
N GLU B 136 2.53 -4.68 -14.19
CA GLU B 136 1.97 -4.53 -15.50
C GLU B 136 1.91 -3.01 -15.78
N LEU B 137 2.49 -2.56 -16.90
CA LEU B 137 2.74 -1.13 -17.02
C LEU B 137 1.78 -0.43 -17.98
N THR B 138 1.15 -1.16 -18.89
CA THR B 138 0.38 -0.43 -19.92
C THR B 138 -1.15 -0.60 -19.89
N GLY B 139 -1.69 -1.20 -18.82
CA GLY B 139 -3.10 -1.42 -18.77
C GLY B 139 -3.68 -1.04 -17.42
N GLY B 140 -4.79 -1.69 -17.06
CA GLY B 140 -5.46 -1.41 -15.78
C GLY B 140 -6.03 -0.02 -15.76
N ILE B 141 -6.31 0.48 -14.57
CA ILE B 141 -6.92 1.80 -14.35
C ILE B 141 -6.17 3.00 -14.94
N TYR B 142 -4.86 2.86 -15.16
CA TYR B 142 -4.01 3.92 -15.70
C TYR B 142 -4.46 4.33 -17.12
N PHE B 143 -4.97 3.36 -17.86
CA PHE B 143 -5.26 3.53 -19.26
C PHE B 143 -6.68 3.15 -19.61
N GLY B 144 -7.42 2.57 -18.69
CA GLY B 144 -8.72 2.02 -19.08
C GLY B 144 -9.78 3.10 -19.35
N GLU B 145 -10.62 2.83 -20.36
CA GLU B 145 -11.84 3.61 -20.70
C GLU B 145 -13.06 2.85 -20.24
N PRO B 146 -14.13 3.55 -19.81
CA PRO B 146 -14.25 4.97 -19.79
C PRO B 146 -13.53 5.64 -18.60
N ARG B 147 -13.09 6.89 -18.80
CA ARG B 147 -12.55 7.69 -17.71
C ARG B 147 -13.09 9.09 -17.91
N GLY B 148 -13.35 9.84 -16.85
CA GLY B 148 -13.73 11.24 -17.03
C GLY B 148 -14.21 11.88 -15.76
N MET B 149 -14.74 13.09 -15.89
CA MET B 149 -15.02 13.94 -14.75
C MET B 149 -16.11 14.96 -15.11
N SER B 150 -17.14 15.09 -14.29
CA SER B 150 -18.07 16.24 -14.36
C SER B 150 -18.06 16.98 -13.03
N GLU B 151 -18.88 18.01 -12.90
CA GLU B 151 -18.97 18.77 -11.65
C GLU B 151 -19.57 17.91 -10.49
N ALA B 152 -20.35 16.90 -10.85
CA ALA B 152 -21.05 16.05 -9.88
C ALA B 152 -20.25 14.75 -9.54
N GLU B 153 -19.35 14.30 -10.41
CA GLU B 153 -18.64 13.01 -10.18
C GLU B 153 -17.43 12.78 -11.11
N ALA B 154 -16.60 11.76 -10.80
CA ALA B 154 -15.46 11.40 -11.66
C ALA B 154 -15.34 9.86 -11.74
N TRP B 155 -14.79 9.28 -12.79
CA TRP B 155 -14.76 7.83 -12.91
C TRP B 155 -13.51 7.41 -13.67
N ASN B 156 -13.07 6.19 -13.39
CA ASN B 156 -11.94 5.54 -14.07
C ASN B 156 -12.23 4.05 -14.12
N THR B 157 -11.66 3.36 -15.07
CA THR B 157 -12.01 1.98 -15.22
C THR B 157 -10.77 1.13 -15.04
N GLU B 158 -10.86 0.22 -14.06
CA GLU B 158 -9.89 -0.85 -13.90
C GLU B 158 -10.32 -2.04 -14.78
N ARG B 159 -9.62 -2.17 -15.90
CA ARG B 159 -9.97 -3.10 -16.95
CA ARG B 159 -9.96 -3.15 -16.91
C ARG B 159 -8.70 -3.90 -17.36
N TYR B 160 -8.83 -5.21 -17.52
CA TYR B 160 -7.76 -6.02 -18.10
C TYR B 160 -8.34 -7.05 -19.02
N SER B 161 -7.70 -7.24 -20.16
CA SER B 161 -8.04 -8.35 -21.05
C SER B 161 -7.11 -9.56 -20.81
N LYS B 162 -7.57 -10.74 -21.21
CA LYS B 162 -6.81 -11.97 -21.09
C LYS B 162 -5.37 -11.90 -21.63
N PRO B 163 -5.15 -11.44 -22.90
CA PRO B 163 -3.74 -11.29 -23.36
C PRO B 163 -2.86 -10.30 -22.56
N GLU B 164 -3.40 -9.19 -22.05
CA GLU B 164 -2.59 -8.29 -21.20
C GLU B 164 -2.06 -8.98 -19.96
N VAL B 165 -2.94 -9.71 -19.25
CA VAL B 165 -2.54 -10.48 -18.10
C VAL B 165 -1.58 -11.61 -18.43
N GLU B 166 -1.85 -12.35 -19.53
CA GLU B 166 -1.00 -13.46 -19.92
C GLU B 166 0.39 -12.99 -20.19
N ARG B 167 0.53 -11.90 -20.94
CA ARG B 167 1.94 -11.51 -21.25
C ARG B 167 2.75 -10.99 -20.03
N VAL B 168 2.12 -10.26 -19.12
CA VAL B 168 2.89 -9.86 -17.93
C VAL B 168 3.14 -11.09 -17.00
N ALA B 169 2.16 -12.00 -16.88
CA ALA B 169 2.38 -13.26 -16.15
C ALA B 169 3.57 -14.08 -16.68
N ARG B 170 3.64 -14.23 -18.00
CA ARG B 170 4.76 -14.90 -18.65
C ARG B 170 6.08 -14.31 -18.20
N VAL B 171 6.24 -13.00 -18.38
CA VAL B 171 7.44 -12.31 -17.93
C VAL B 171 7.78 -12.66 -16.45
N ALA B 172 6.79 -12.68 -15.56
CA ALA B 172 7.11 -12.99 -14.16
C ALA B 172 7.56 -14.46 -14.03
N PHE B 173 6.86 -15.38 -14.70
CA PHE B 173 7.30 -16.79 -14.64
C PHE B 173 8.70 -17.00 -15.18
N GLU B 174 9.00 -16.34 -16.29
CA GLU B 174 10.39 -16.45 -16.88
C GLU B 174 11.42 -15.92 -15.94
N ALA B 175 11.08 -14.80 -15.27
CA ALA B 175 12.00 -14.17 -14.36
C ALA B 175 12.18 -15.08 -13.16
N ALA B 176 11.09 -15.68 -12.65
CA ALA B 176 11.24 -16.57 -11.50
C ALA B 176 12.07 -17.84 -11.82
N ARG B 177 11.92 -18.34 -13.03
CA ARG B 177 12.64 -19.52 -13.48
C ARG B 177 14.14 -19.27 -13.46
N LYS B 178 14.57 -18.03 -13.66
CA LYS B 178 15.98 -17.69 -13.56
C LYS B 178 16.33 -17.21 -12.18
N ARG B 179 15.42 -17.33 -11.22
CA ARG B 179 15.71 -16.80 -9.85
C ARG B 179 15.48 -17.91 -8.83
N ARG B 180 14.46 -17.80 -7.97
CA ARG B 180 14.22 -18.83 -6.96
C ARG B 180 12.93 -19.56 -7.16
N LYS B 181 12.38 -19.46 -8.38
CA LYS B 181 11.24 -20.26 -8.80
C LYS B 181 9.98 -20.12 -7.94
N HIS B 182 9.78 -18.93 -7.35
CA HIS B 182 8.54 -18.61 -6.61
CA HIS B 182 8.58 -18.61 -6.55
C HIS B 182 7.92 -17.32 -7.14
N VAL B 183 6.62 -17.36 -7.43
CA VAL B 183 5.88 -16.17 -7.80
C VAL B 183 4.78 -15.99 -6.76
N VAL B 184 4.60 -14.77 -6.24
CA VAL B 184 3.34 -14.39 -5.59
C VAL B 184 2.65 -13.37 -6.49
N SER B 185 1.38 -13.61 -6.72
CA SER B 185 0.53 -12.81 -7.57
C SER B 185 -0.43 -12.08 -6.64
N VAL B 186 -0.61 -10.77 -6.86
CA VAL B 186 -1.33 -9.95 -5.88
C VAL B 186 -2.55 -9.28 -6.50
N ASP B 187 -3.70 -9.32 -5.81
CA ASP B 187 -4.93 -8.82 -6.39
C ASP B 187 -5.88 -8.42 -5.26
N LYS B 188 -7.11 -8.10 -5.61
CA LYS B 188 -8.10 -7.96 -4.59
C LYS B 188 -9.31 -8.83 -5.00
N ALA B 189 -9.02 -10.12 -5.28
CA ALA B 189 -10.02 -10.98 -5.91
C ALA B 189 -11.26 -11.12 -5.01
N ASN B 190 -11.11 -10.93 -3.69
CA ASN B 190 -12.30 -11.09 -2.78
C ASN B 190 -13.33 -9.94 -2.87
N VAL B 191 -12.97 -8.85 -3.53
CA VAL B 191 -13.90 -7.71 -3.72
C VAL B 191 -14.15 -7.45 -5.20
N LEU B 192 -13.13 -7.65 -6.06
CA LEU B 192 -13.22 -7.17 -7.45
C LEU B 192 -13.13 -8.27 -8.51
N GLU B 193 -14.12 -8.26 -9.39
CA GLU B 193 -14.18 -9.11 -10.59
C GLU B 193 -12.82 -9.11 -11.31
N VAL B 194 -12.17 -7.96 -11.39
CA VAL B 194 -10.92 -7.86 -12.12
C VAL B 194 -9.81 -8.62 -11.36
N GLY B 195 -9.90 -8.72 -10.03
CA GLY B 195 -8.91 -9.51 -9.30
C GLY B 195 -9.15 -10.99 -9.51
N GLU B 196 -10.42 -11.39 -9.51
CA GLU B 196 -10.81 -12.79 -9.73
C GLU B 196 -10.28 -13.29 -11.10
N PHE B 197 -10.46 -12.45 -12.13
CA PHE B 197 -10.02 -12.69 -13.49
C PHE B 197 -8.49 -12.67 -13.56
N TRP B 198 -7.84 -11.73 -12.90
CA TRP B 198 -6.38 -11.72 -12.86
C TRP B 198 -5.91 -13.03 -12.27
N ARG B 199 -6.46 -13.41 -11.11
CA ARG B 199 -5.99 -14.59 -10.43
C ARG B 199 -6.10 -15.85 -11.33
N LYS B 200 -7.31 -16.08 -11.86
CA LYS B 200 -7.60 -17.23 -12.74
C LYS B 200 -6.63 -17.29 -13.93
N THR B 201 -6.30 -16.13 -14.53
CA THR B 201 -5.43 -16.12 -15.73
C THR B 201 -3.98 -16.38 -15.36
N VAL B 202 -3.55 -15.84 -14.22
CA VAL B 202 -2.22 -16.14 -13.74
C VAL B 202 -2.10 -17.67 -13.42
N GLU B 203 -3.14 -18.25 -12.78
CA GLU B 203 -3.20 -19.72 -12.55
C GLU B 203 -3.00 -20.52 -13.86
N GLU B 204 -3.73 -20.17 -14.91
CA GLU B 204 -3.58 -20.82 -16.22
C GLU B 204 -2.18 -20.74 -16.82
N VAL B 205 -1.60 -19.54 -16.86
CA VAL B 205 -0.20 -19.37 -17.34
C VAL B 205 0.79 -20.18 -16.51
N GLY B 206 0.56 -20.22 -15.19
CA GLY B 206 1.41 -20.97 -14.28
C GLY B 206 1.37 -22.48 -14.50
N ARG B 207 0.31 -22.98 -15.13
CA ARG B 207 0.23 -24.45 -15.41
C ARG B 207 1.27 -24.78 -16.46
N GLY B 208 1.66 -23.79 -17.23
CA GLY B 208 2.78 -23.92 -18.17
C GLY B 208 4.17 -23.87 -17.55
N TYR B 209 4.29 -23.60 -16.25
CA TYR B 209 5.59 -23.51 -15.54
C TYR B 209 5.53 -24.33 -14.27
N PRO B 210 5.43 -25.66 -14.40
CA PRO B 210 5.37 -26.51 -13.22
C PRO B 210 6.66 -26.46 -12.35
N ASP B 211 7.76 -25.96 -12.87
CA ASP B 211 8.94 -25.80 -12.04
C ASP B 211 8.83 -24.59 -11.10
N VAL B 212 7.80 -23.76 -11.27
CA VAL B 212 7.74 -22.49 -10.52
C VAL B 212 6.60 -22.53 -9.51
N ALA B 213 6.87 -22.32 -8.24
CA ALA B 213 5.78 -22.29 -7.24
C ALA B 213 4.96 -20.98 -7.30
N LEU B 214 3.63 -21.07 -7.21
CA LEU B 214 2.74 -19.94 -7.36
C LEU B 214 1.86 -19.78 -6.14
N GLU B 215 1.91 -18.57 -5.58
CA GLU B 215 1.11 -18.23 -4.39
C GLU B 215 0.27 -16.99 -4.70
N HIS B 216 -0.90 -16.85 -4.10
CA HIS B 216 -1.65 -15.58 -4.20
C HIS B 216 -1.76 -14.81 -2.88
N GLN B 217 -1.69 -13.48 -2.92
CA GLN B 217 -2.01 -12.65 -1.76
C GLN B 217 -2.96 -11.53 -2.16
N TYR B 218 -3.89 -11.17 -1.29
CA TYR B 218 -4.60 -9.91 -1.46
C TYR B 218 -3.66 -8.75 -1.16
N VAL B 219 -3.84 -7.62 -1.86
CA VAL B 219 -2.89 -6.49 -1.85
C VAL B 219 -2.74 -5.90 -0.44
N ASP B 220 -3.80 -5.90 0.39
CA ASP B 220 -3.63 -5.30 1.74
C ASP B 220 -2.76 -6.18 2.63
N ALA B 221 -3.02 -7.48 2.68
CA ALA B 221 -2.08 -8.40 3.36
C ALA B 221 -0.67 -8.39 2.76
N MET B 222 -0.56 -8.27 1.44
CA MET B 222 0.78 -8.26 0.80
C MET B 222 1.61 -7.12 1.35
N ALA B 223 1.01 -5.93 1.47
CA ALA B 223 1.73 -4.76 1.97
C ALA B 223 2.30 -5.01 3.37
N MET B 224 1.51 -5.58 4.27
CA MET B 224 2.01 -5.96 5.59
C MET B 224 3.14 -7.02 5.46
N HIS B 225 2.94 -8.08 4.64
CA HIS B 225 3.93 -9.19 4.55
C HIS B 225 5.25 -8.75 3.96
N LEU B 226 5.18 -7.80 3.05
CA LEU B 226 6.39 -7.31 2.40
C LEU B 226 7.32 -6.61 3.40
N VAL B 227 6.76 -6.03 4.46
CA VAL B 227 7.53 -5.40 5.52
C VAL B 227 7.84 -6.38 6.67
N ARG B 228 6.90 -7.21 7.11
CA ARG B 228 7.23 -8.16 8.15
C ARG B 228 8.13 -9.31 7.76
N SER B 229 7.92 -9.89 6.57
CA SER B 229 8.64 -11.11 6.17
C SER B 229 9.15 -11.01 4.76
N PRO B 230 9.90 -9.94 4.43
CA PRO B 230 10.34 -9.82 3.05
C PRO B 230 11.19 -10.98 2.51
N ALA B 231 11.87 -11.71 3.39
CA ALA B 231 12.82 -12.71 2.88
C ALA B 231 12.12 -13.87 2.19
N ARG B 232 10.83 -14.02 2.43
CA ARG B 232 10.13 -15.10 1.81
C ARG B 232 9.55 -14.84 0.39
N PHE B 233 9.90 -13.72 -0.23
CA PHE B 233 9.39 -13.47 -1.59
C PHE B 233 10.54 -13.45 -2.59
N ASP B 234 10.26 -13.95 -3.77
CA ASP B 234 11.19 -13.89 -4.89
C ASP B 234 10.60 -12.90 -5.89
N VAL B 235 9.67 -13.36 -6.75
CA VAL B 235 9.05 -12.51 -7.75
C VAL B 235 7.63 -12.14 -7.32
N VAL B 236 7.23 -10.88 -7.52
CA VAL B 236 5.89 -10.44 -7.11
C VAL B 236 5.26 -9.83 -8.33
N VAL B 237 4.17 -10.41 -8.81
CA VAL B 237 3.58 -9.94 -10.05
C VAL B 237 2.25 -9.28 -9.77
N THR B 238 2.03 -8.12 -10.36
CA THR B 238 0.77 -7.43 -10.06
C THR B 238 0.39 -6.43 -11.12
N GLY B 239 -0.82 -5.88 -11.03
CA GLY B 239 -1.32 -4.84 -11.92
C GLY B 239 -0.73 -3.44 -11.70
N ASN B 240 -1.16 -2.48 -12.54
CA ASN B 240 -0.50 -1.17 -12.67
C ASN B 240 -0.48 -0.39 -11.35
N ILE B 241 -1.66 -0.20 -10.72
CA ILE B 241 -1.74 0.63 -9.50
C ILE B 241 -1.20 -0.08 -8.26
N PHE B 242 -1.50 -1.38 -8.11
CA PHE B 242 -0.92 -2.11 -6.97
C PHE B 242 0.63 -2.16 -7.10
N GLY B 243 1.14 -2.27 -8.32
CA GLY B 243 2.60 -2.30 -8.51
C GLY B 243 3.26 -1.01 -8.11
N ASP B 244 2.55 0.09 -8.34
CA ASP B 244 3.05 1.45 -8.08
C ASP B 244 3.23 1.59 -6.56
N ILE B 245 2.19 1.20 -5.83
CA ILE B 245 2.19 1.33 -4.38
C ILE B 245 3.20 0.37 -3.75
N LEU B 246 3.10 -0.92 -4.10
CA LEU B 246 4.04 -1.92 -3.50
C LEU B 246 5.51 -1.58 -3.68
N SER B 247 5.85 -1.01 -4.84
CA SER B 247 7.27 -0.72 -5.14
C SER B 247 7.83 0.51 -4.43
N ASP B 248 7.00 1.50 -4.12
CA ASP B 248 7.43 2.56 -3.21
C ASP B 248 7.62 2.03 -1.83
N LEU B 249 6.67 1.20 -1.40
CA LEU B 249 6.72 0.58 -0.07
C LEU B 249 8.00 -0.28 0.09
N ALA B 250 8.36 -0.96 -1.01
CA ALA B 250 9.53 -1.87 -1.02
C ALA B 250 10.86 -1.12 -0.73
N SER B 251 10.83 0.21 -0.78
CA SER B 251 12.07 0.99 -0.59
C SER B 251 12.59 0.90 0.83
N VAL B 252 11.71 0.49 1.74
CA VAL B 252 12.07 0.46 3.14
C VAL B 252 12.89 -0.79 3.39
N LEU B 253 12.99 -1.66 2.39
CA LEU B 253 13.87 -2.84 2.54
C LEU B 253 15.37 -2.51 2.44
N PRO B 254 15.85 -2.00 1.30
CA PRO B 254 17.23 -1.49 1.31
C PRO B 254 17.42 -0.17 2.11
N GLY B 255 16.38 0.65 2.21
CA GLY B 255 16.34 1.67 3.23
C GLY B 255 15.88 3.02 2.80
N SER B 256 15.79 3.25 1.49
CA SER B 256 15.44 4.56 0.99
C SER B 256 14.94 4.45 -0.45
N LEU B 257 13.99 5.32 -0.76
CA LEU B 257 13.43 5.41 -2.09
C LEU B 257 14.51 5.76 -3.12
N GLY B 258 15.57 6.42 -2.66
CA GLY B 258 16.62 6.89 -3.58
C GLY B 258 17.53 5.80 -4.10
N LEU B 259 17.32 4.56 -3.63
CA LEU B 259 18.07 3.42 -4.02
C LEU B 259 17.44 2.58 -5.14
N LEU B 260 16.15 2.72 -5.36
CA LEU B 260 15.40 1.77 -6.22
C LEU B 260 15.43 2.08 -7.72
N PRO B 261 16.02 1.17 -8.54
CA PRO B 261 16.03 1.30 -10.02
C PRO B 261 14.83 0.58 -10.68
N SER B 262 14.59 0.81 -11.97
CA SER B 262 13.52 0.11 -12.71
C SER B 262 13.88 -0.06 -14.19
N ALA B 263 13.36 -1.11 -14.82
CA ALA B 263 13.43 -1.26 -16.30
C ALA B 263 12.00 -1.43 -16.78
N SER B 264 11.67 -0.81 -17.93
CA SER B 264 10.39 -1.03 -18.60
C SER B 264 10.65 -1.60 -19.96
N LEU B 265 10.13 -2.81 -20.17
CA LEU B 265 10.41 -3.68 -21.34
C LEU B 265 9.12 -4.09 -22.01
N GLY B 266 9.17 -4.31 -23.33
CA GLY B 266 7.99 -4.65 -24.14
C GLY B 266 8.39 -4.52 -25.58
N ARG B 267 7.51 -3.97 -26.42
CA ARG B 267 7.70 -4.03 -27.89
C ARG B 267 8.76 -3.04 -28.40
N GLY B 268 8.78 -1.83 -27.84
CA GLY B 268 9.60 -0.73 -28.37
C GLY B 268 10.93 -0.51 -27.67
N THR B 269 11.36 0.73 -27.60
CA THR B 269 12.65 1.03 -26.96
C THR B 269 12.58 0.87 -25.42
N PRO B 270 13.45 0.00 -24.84
CA PRO B 270 13.47 -0.19 -23.41
C PRO B 270 13.93 1.06 -22.59
N VAL B 271 13.27 1.26 -21.44
CA VAL B 271 13.42 2.47 -20.61
C VAL B 271 13.92 2.10 -19.21
N PHE B 272 14.98 2.81 -18.79
CA PHE B 272 15.63 2.56 -17.52
C PHE B 272 15.62 3.83 -16.67
N ALA B 273 15.13 3.71 -15.43
CA ALA B 273 14.76 4.93 -14.66
C ALA B 273 14.51 4.62 -13.21
N PRO B 274 14.82 5.58 -12.33
CA PRO B 274 14.51 5.39 -10.93
C PRO B 274 13.01 5.19 -10.69
N VAL B 275 12.68 4.40 -9.68
CA VAL B 275 11.34 4.41 -9.12
C VAL B 275 10.90 5.83 -8.64
N HIS B 276 11.83 6.52 -7.95
CA HIS B 276 11.54 7.80 -7.35
C HIS B 276 11.13 8.91 -8.30
N GLY B 277 10.48 9.92 -7.74
CA GLY B 277 10.03 11.03 -8.55
C GLY B 277 11.04 12.19 -8.52
N SER B 278 10.53 13.38 -8.84
CA SER B 278 11.38 14.54 -9.03
C SER B 278 11.75 15.25 -7.70
N ALA B 279 11.25 14.76 -6.56
CA ALA B 279 11.72 15.20 -5.25
C ALA B 279 11.92 16.74 -5.15
N PRO B 280 10.86 17.53 -5.46
CA PRO B 280 11.03 19.00 -5.54
C PRO B 280 11.45 19.63 -4.19
N ASP B 281 11.13 18.96 -3.10
CA ASP B 281 11.56 19.38 -1.77
C ASP B 281 13.07 19.30 -1.53
N ILE B 282 13.84 18.76 -2.48
CA ILE B 282 15.32 18.74 -2.34
C ILE B 282 16.04 19.10 -3.62
N ALA B 283 15.29 19.31 -4.72
CA ALA B 283 15.89 19.70 -5.99
C ALA B 283 16.74 20.99 -5.79
N GLY B 284 17.90 21.06 -6.42
CA GLY B 284 18.74 22.26 -6.30
C GLY B 284 19.72 22.23 -5.13
N LYS B 285 19.72 21.22 -4.27
CA LYS B 285 20.54 21.29 -3.07
C LYS B 285 21.79 20.46 -3.15
N GLY B 286 22.01 19.77 -4.28
CA GLY B 286 23.16 18.86 -4.45
C GLY B 286 23.18 17.67 -3.50
N ILE B 287 22.02 17.26 -2.97
CA ILE B 287 22.01 16.12 -2.01
C ILE B 287 21.32 14.81 -2.48
N ALA B 288 20.47 14.88 -3.53
CA ALA B 288 19.73 13.73 -4.05
C ALA B 288 20.63 12.47 -4.25
N ASN B 289 20.19 11.37 -3.63
CA ASN B 289 20.85 10.08 -3.75
C ASN B 289 20.71 9.67 -5.22
N PRO B 290 21.85 9.50 -5.93
CA PRO B 290 21.83 9.11 -7.33
C PRO B 290 21.90 7.58 -7.53
N THR B 291 21.78 6.79 -6.43
CA THR B 291 21.96 5.34 -6.55
C THR B 291 20.96 4.74 -7.57
N ALA B 292 19.71 5.17 -7.49
CA ALA B 292 18.63 4.60 -8.32
C ALA B 292 18.97 4.86 -9.79
N ALA B 293 19.45 6.05 -10.06
CA ALA B 293 19.77 6.42 -11.42
C ALA B 293 20.98 5.61 -11.88
N ILE B 294 22.01 5.53 -11.05
CA ILE B 294 23.19 4.71 -11.38
C ILE B 294 22.80 3.21 -11.55
N LEU B 295 21.99 2.68 -10.64
CA LEU B 295 21.63 1.25 -10.78
C LEU B 295 20.72 1.03 -12.00
N SER B 296 19.98 2.07 -12.39
CA SER B 296 19.13 1.98 -13.58
C SER B 296 20.03 1.87 -14.84
N ALA B 297 21.14 2.61 -14.82
CA ALA B 297 22.11 2.54 -15.91
C ALA B 297 22.65 1.12 -15.94
N ALA B 298 22.93 0.53 -14.75
CA ALA B 298 23.36 -0.86 -14.69
C ALA B 298 22.33 -1.83 -15.32
N MET B 299 21.05 -1.63 -15.03
CA MET B 299 20.04 -2.45 -15.63
C MET B 299 19.98 -2.28 -17.15
N MET B 300 20.14 -1.04 -17.64
CA MET B 300 20.26 -0.83 -19.05
C MET B 300 21.38 -1.68 -19.65
N LEU B 301 22.57 -1.63 -19.05
CA LEU B 301 23.72 -2.43 -19.53
C LEU B 301 23.36 -3.92 -19.65
N GLU B 302 22.71 -4.45 -18.62
CA GLU B 302 22.38 -5.87 -18.58
C GLU B 302 21.24 -6.20 -19.57
N HIS B 303 20.11 -5.49 -19.46
CA HIS B 303 18.88 -5.87 -20.18
C HIS B 303 18.80 -5.42 -21.65
N ALA B 304 19.31 -4.22 -21.95
CA ALA B 304 19.29 -3.74 -23.32
C ALA B 304 20.57 -4.16 -24.06
N PHE B 305 21.69 -4.36 -23.36
CA PHE B 305 22.95 -4.69 -24.08
C PHE B 305 23.62 -6.01 -23.76
N GLY B 306 23.00 -6.84 -22.92
CA GLY B 306 23.57 -8.12 -22.46
C GLY B 306 24.90 -8.04 -21.71
N LEU B 307 25.24 -6.89 -21.15
CA LEU B 307 26.51 -6.72 -20.44
C LEU B 307 26.40 -7.06 -18.94
N VAL B 308 26.20 -8.32 -18.65
CA VAL B 308 25.83 -8.74 -17.29
C VAL B 308 26.98 -8.44 -16.33
N GLU B 309 28.20 -8.76 -16.69
CA GLU B 309 29.27 -8.63 -15.69
C GLU B 309 29.57 -7.15 -15.39
N LEU B 310 29.43 -6.28 -16.39
CA LEU B 310 29.56 -4.82 -16.19
C LEU B 310 28.52 -4.24 -15.21
N ALA B 311 27.27 -4.68 -15.38
CA ALA B 311 26.15 -4.34 -14.49
C ALA B 311 26.55 -4.66 -13.06
N ARG B 312 27.01 -5.90 -12.85
CA ARG B 312 27.43 -6.37 -11.54
C ARG B 312 28.53 -5.53 -10.92
N LYS B 313 29.48 -5.09 -11.75
CA LYS B 313 30.57 -4.22 -11.32
C LYS B 313 30.07 -2.84 -10.88
N VAL B 314 29.16 -2.25 -11.66
CA VAL B 314 28.48 -1.01 -11.23
C VAL B 314 27.79 -1.20 -9.88
N GLU B 315 26.95 -2.22 -9.80
CA GLU B 315 26.29 -2.56 -8.52
C GLU B 315 27.27 -2.77 -7.34
N ASP B 316 28.42 -3.42 -7.56
CA ASP B 316 29.42 -3.55 -6.47
C ASP B 316 30.04 -2.22 -6.00
N ALA B 317 30.39 -1.35 -6.95
CA ALA B 317 30.89 -0.03 -6.64
C ALA B 317 29.88 0.85 -5.88
N VAL B 318 28.62 0.79 -6.30
CA VAL B 318 27.53 1.48 -5.57
C VAL B 318 27.45 0.96 -4.13
N ALA B 319 27.38 -0.36 -3.94
CA ALA B 319 27.33 -0.95 -2.61
C ALA B 319 28.49 -0.51 -1.69
N LYS B 320 29.71 -0.50 -2.23
CA LYS B 320 30.88 -0.01 -1.46
C LYS B 320 30.76 1.46 -1.11
N ALA B 321 30.36 2.27 -2.10
CA ALA B 321 30.19 3.69 -1.84
C ALA B 321 29.12 3.94 -0.76
N LEU B 322 28.05 3.14 -0.78
CA LEU B 322 26.96 3.29 0.21
C LEU B 322 27.47 3.00 1.61
N LEU B 323 28.33 1.99 1.72
CA LEU B 323 28.86 1.59 3.00
C LEU B 323 29.87 2.65 3.51
N GLU B 324 30.58 3.27 2.56
CA GLU B 324 31.65 4.18 2.86
C GLU B 324 31.22 5.64 3.06
N THR B 325 30.51 6.22 2.09
CA THR B 325 30.05 7.59 2.16
C THR B 325 28.55 7.72 1.86
N PRO B 326 27.70 7.33 2.82
CA PRO B 326 26.25 7.29 2.58
C PRO B 326 25.65 8.65 2.36
N PRO B 327 24.66 8.75 1.44
CA PRO B 327 24.00 10.04 1.19
C PRO B 327 23.07 10.37 2.36
N PRO B 328 22.54 11.62 2.40
CA PRO B 328 21.75 12.11 3.57
C PRO B 328 20.44 11.37 3.84
N ASP B 329 19.83 10.77 2.80
CA ASP B 329 18.58 10.02 2.99
C ASP B 329 18.86 8.70 3.70
N LEU B 330 20.12 8.31 3.77
CA LEU B 330 20.49 7.08 4.53
C LEU B 330 21.31 7.37 5.78
N GLY B 331 21.12 8.56 6.36
CA GLY B 331 21.74 8.94 7.61
C GLY B 331 23.18 9.41 7.48
N GLY B 332 23.61 9.75 6.26
CA GLY B 332 25.00 10.14 6.00
C GLY B 332 25.10 11.59 5.60
N SER B 333 26.26 11.99 5.09
CA SER B 333 26.46 13.39 4.69
C SER B 333 26.99 13.62 3.27
N ALA B 334 27.15 12.56 2.48
CA ALA B 334 27.69 12.67 1.13
C ALA B 334 26.67 13.16 0.13
N GLY B 335 26.86 14.38 -0.35
CA GLY B 335 26.00 14.95 -1.40
C GLY B 335 26.21 14.28 -2.75
N THR B 336 25.39 14.67 -3.72
CA THR B 336 25.34 13.98 -5.03
C THR B 336 26.71 13.83 -5.75
N GLU B 337 27.44 14.94 -5.87
CA GLU B 337 28.74 14.92 -6.50
C GLU B 337 29.73 14.05 -5.74
N ALA B 338 29.85 14.27 -4.43
CA ALA B 338 30.76 13.48 -3.59
C ALA B 338 30.44 12.00 -3.58
N PHE B 339 29.16 11.64 -3.47
CA PHE B 339 28.79 10.21 -3.53
C PHE B 339 29.16 9.61 -4.87
N THR B 340 28.91 10.38 -5.95
CA THR B 340 29.23 9.93 -7.32
C THR B 340 30.76 9.65 -7.49
N ALA B 341 31.58 10.58 -6.98
CA ALA B 341 33.04 10.45 -6.97
C ALA B 341 33.45 9.19 -6.23
N THR B 342 32.81 8.89 -5.09
CA THR B 342 33.11 7.63 -4.39
C THR B 342 32.84 6.38 -5.29
N VAL B 343 31.74 6.44 -6.07
CA VAL B 343 31.37 5.32 -6.96
C VAL B 343 32.49 5.12 -8.00
N LEU B 344 32.89 6.22 -8.62
CA LEU B 344 33.94 6.21 -9.64
C LEU B 344 35.26 5.67 -9.10
N ARG B 345 35.65 6.08 -7.89
CA ARG B 345 36.93 5.65 -7.34
C ARG B 345 36.91 4.12 -7.20
N HIS B 346 35.80 3.56 -6.69
CA HIS B 346 35.61 2.11 -6.62
C HIS B 346 35.53 1.37 -7.98
N LEU B 347 34.91 2.01 -8.98
CA LEU B 347 34.97 1.52 -10.36
C LEU B 347 36.42 1.36 -10.82
N ALA B 348 37.14 2.48 -10.88
CA ALA B 348 38.53 2.50 -11.23
C ALA B 348 39.34 1.62 -10.29
#